data_3D7D
#
_entry.id   3D7D
#
_cell.length_a   101.930
_cell.length_b   130.497
_cell.length_c   159.187
_cell.angle_alpha   90.00
_cell.angle_beta   90.00
_cell.angle_gamma   90.00
#
_symmetry.space_group_name_H-M   'I 2 2 2'
#
loop_
_entity.id
_entity.type
_entity.pdbx_description
1 polymer 'Glutamate carboxypeptidase 2'
2 branched 2-acetamido-2-deoxy-beta-D-glucopyranose-(1-4)-2-acetamido-2-deoxy-beta-D-glucopyranose
3 branched beta-D-mannopyranose-(1-4)-2-acetamido-2-deoxy-beta-D-glucopyranose-(1-4)-2-acetamido-2-deoxy-beta-D-glucopyranose
4 branched alpha-D-mannopyranose-(1-3)-beta-D-mannopyranose-(1-4)-2-acetamido-2-deoxy-beta-D-glucopyranose-(1-4)-2-acetamido-2-deoxy-beta-D-glucopyranose
5 non-polymer 2-acetamido-2-deoxy-beta-D-glucopyranose
6 non-polymer 'ZINC ION'
7 non-polymer 'CALCIUM ION'
8 non-polymer 'CHLORIDE ION'
9 non-polymer 'N-({(1R)-1-carboxy-2-[(4-fluorobenzyl)sulfanyl]ethyl}carbamoyl)-L-glutamic acid'
10 water water
#
_entity_poly.entity_id   1
_entity_poly.type   'polypeptide(L)'
_entity_poly.pdbx_seq_one_letter_code
;RSKSSNEATNITPKHNMKAFLDELKAENIKKFLYNFTQIPHLAGTEQNFQLAKQIQSQWKEFGLDSVELAHYDVLLSYPN
KTHPNYISIINEDGNEIFNTSLFEPPPPGYENVSDIVPPFSAFSPQGMPEGDLVYVNYARTEDFFKLERDMKINCSGKIV
IARYGKVFRGNKVKNAQLAGAKGVILYSDPADYFAPGVKSYPDGWNLPGGGVQRGNILNLNGAGDPLTPGYPANEYAYRR
GIAEAVGLPSIPVHPIGYYDAQKLLEKMGGSAPPDSSWRGSLKVPYNVGPGFTGNFSTQKVKMHIHSTNEVTRIYNVIGT
LRGAVEPDRYVILGGHRDSWVFGGIDPQSGAAVVHEIVRSFGTLKKEGWRPRRTILFASWDAEEFGLLGSTEWAEENSRL
LQERGVAYINADSSIEGNYTLRVDCTPLMYSLVHNLTKELKSPDEGFEGKSLYESWTKKSPSPEFSGMPRISKLGSGNDF
EVFFQRLGIASGRARYTKNWETNKFSGYPLYHSVYETYELVEKFYDPMFKYHLTVAQVRGGMVFELANSIVLPFDCRDYA
VVLRKYADKIYSISMKHPQEMKTYSVSFDSLFSAVKNFTEIASKFSERLQDFDKSNPIVLRMMNDQLMFLERAFIDPLGL
PDRPFYRHVIYAPSSHNKYAGESFPGIYDALFDIESKVDPSKAWGEVKRQIYVAAFTVQAAAETLSEVA
;
_entity_poly.pdbx_strand_id   A
#
loop_
_chem_comp.id
_chem_comp.type
_chem_comp.name
_chem_comp.formula
BMA D-saccharide, beta linking beta-D-mannopyranose 'C6 H12 O6'
CA non-polymer 'CALCIUM ION' 'Ca 2'
CL non-polymer 'CHLORIDE ION' 'Cl -1'
FBD non-polymer 'N-({(1R)-1-carboxy-2-[(4-fluorobenzyl)sulfanyl]ethyl}carbamoyl)-L-glutamic acid' 'C16 H19 F N2 O7 S'
MAN D-saccharide, alpha linking alpha-D-mannopyranose 'C6 H12 O6'
NAG D-saccharide, beta linking 2-acetamido-2-deoxy-beta-D-glucopyranose 'C8 H15 N O6'
ZN non-polymer 'ZINC ION' 'Zn 2'
#
# COMPACT_ATOMS: atom_id res chain seq x y z
N LYS A 14 -7.68 0.64 37.47
CA LYS A 14 -7.73 -0.54 36.54
C LYS A 14 -6.91 -0.34 35.25
N HIS A 15 -6.26 -1.41 34.80
CA HIS A 15 -5.48 -1.41 33.55
C HIS A 15 -6.24 -2.18 32.47
N ASN A 16 -7.13 -1.50 31.77
CA ASN A 16 -7.96 -2.12 30.75
C ASN A 16 -7.87 -1.25 29.50
N MET A 17 -8.71 -1.51 28.50
CA MET A 17 -8.51 -0.77 27.26
C MET A 17 -8.81 0.72 27.47
N LYS A 18 -9.85 1.01 28.26
CA LYS A 18 -10.15 2.41 28.52
C LYS A 18 -8.94 3.19 29.08
N ALA A 19 -8.21 2.59 30.01
CA ALA A 19 -7.01 3.18 30.59
C ALA A 19 -5.99 3.50 29.50
N PHE A 20 -5.80 2.52 28.62
CA PHE A 20 -4.87 2.72 27.51
C PHE A 20 -5.32 3.86 26.58
N LEU A 21 -6.58 3.85 26.18
CA LEU A 21 -7.11 4.82 25.26
C LEU A 21 -7.09 6.22 25.86
N ASP A 22 -7.39 6.34 27.16
CA ASP A 22 -7.50 7.69 27.76
C ASP A 22 -6.15 8.35 27.90
N GLU A 23 -5.08 7.56 27.91
CA GLU A 23 -3.78 8.09 28.09
C GLU A 23 -3.32 8.77 26.79
N LEU A 24 -3.93 8.39 25.65
CA LEU A 24 -3.52 8.97 24.34
C LEU A 24 -3.94 10.45 24.26
N LYS A 25 -3.04 11.32 23.79
CA LYS A 25 -3.32 12.77 23.75
C LYS A 25 -3.03 13.38 22.38
N ALA A 26 -4.01 14.08 21.84
CA ALA A 26 -3.83 14.84 20.59
C ALA A 26 -2.63 15.77 20.63
N GLU A 27 -2.41 16.42 21.78
CA GLU A 27 -1.32 17.37 21.95
C GLU A 27 0.06 16.72 21.79
N ASN A 28 0.17 15.47 22.25
CA ASN A 28 1.43 14.75 22.09
C ASN A 28 1.65 14.35 20.65
N ILE A 29 0.60 13.91 19.98
CA ILE A 29 0.69 13.54 18.54
C ILE A 29 1.18 14.77 17.76
N LYS A 30 0.61 15.95 18.09
CA LYS A 30 1.03 17.22 17.44
C LYS A 30 2.51 17.52 17.67
N LYS A 31 2.95 17.42 18.92
CA LYS A 31 4.35 17.65 19.24
C LYS A 31 5.29 16.69 18.48
N PHE A 32 4.89 15.42 18.40
CA PHE A 32 5.78 14.45 17.72
C PHE A 32 5.80 14.74 16.22
N LEU A 33 4.65 15.09 15.65
CA LEU A 33 4.58 15.35 14.20
C LEU A 33 5.50 16.53 13.86
N TYR A 34 5.41 17.60 14.64
CA TYR A 34 6.32 18.72 14.45
C TYR A 34 7.80 18.27 14.53
N ASN A 35 8.13 17.46 15.54
CA ASN A 35 9.48 16.98 15.76
C ASN A 35 10.02 16.13 14.58
N PHE A 36 9.11 15.41 13.92
CA PHE A 36 9.56 14.48 12.86
C PHE A 36 9.60 15.07 11.46
N THR A 37 9.20 16.36 11.31
CA THR A 37 8.97 16.90 9.99
C THR A 37 9.77 18.18 9.69
N GLN A 38 10.77 18.49 10.51
CA GLN A 38 11.54 19.75 10.34
C GLN A 38 12.59 19.67 9.25
N ILE A 39 13.10 18.44 9.00
CA ILE A 39 14.12 18.20 7.96
C ILE A 39 13.72 16.96 7.15
N PRO A 40 14.26 16.81 5.92
CA PRO A 40 13.92 15.58 5.18
C PRO A 40 14.50 14.33 5.83
N HIS A 41 13.80 13.19 5.69
CA HIS A 41 14.31 11.90 6.23
C HIS A 41 14.34 10.82 5.14
N LEU A 42 15.02 11.12 4.04
CA LEU A 42 15.08 10.20 2.92
C LEU A 42 15.81 8.93 3.34
N ALA A 43 15.30 7.77 2.92
CA ALA A 43 15.96 6.49 3.25
C ALA A 43 17.41 6.52 2.78
N GLY A 44 18.27 6.00 3.63
CA GLY A 44 19.68 5.84 3.33
C GLY A 44 20.50 7.08 3.60
N THR A 45 19.88 8.15 4.10
CA THR A 45 20.63 9.37 4.44
C THR A 45 20.95 9.46 5.93
N GLU A 46 21.92 10.32 6.29
CA GLU A 46 22.34 10.45 7.67
C GLU A 46 21.20 10.97 8.56
N GLN A 47 20.39 11.89 8.03
CA GLN A 47 19.26 12.49 8.74
C GLN A 47 18.25 11.39 9.19
N ASN A 48 18.07 10.38 8.34
CA ASN A 48 17.14 9.31 8.66
C ASN A 48 17.72 8.32 9.68
N PHE A 49 19.05 8.13 9.63
CA PHE A 49 19.73 7.32 10.65
C PHE A 49 19.65 8.07 11.98
N GLN A 50 19.87 9.40 11.98
CA GLN A 50 19.71 10.12 13.26
C GLN A 50 18.32 10.01 13.88
N LEU A 51 17.30 10.09 13.02
CA LEU A 51 15.95 9.96 13.52
C LEU A 51 15.71 8.54 14.08
N ALA A 52 16.22 7.53 13.36
CA ALA A 52 16.18 6.15 13.90
C ALA A 52 16.73 6.06 15.33
N LYS A 53 17.90 6.63 15.52
CA LYS A 53 18.55 6.60 16.85
C LYS A 53 17.72 7.36 17.91
N GLN A 54 17.11 8.48 17.50
CA GLN A 54 16.20 9.22 18.39
C GLN A 54 15.00 8.38 18.82
N ILE A 55 14.34 7.75 17.84
CA ILE A 55 13.20 6.89 18.14
C ILE A 55 13.62 5.73 19.06
N GLN A 56 14.75 5.13 18.75
CA GLN A 56 15.23 4.02 19.59
C GLN A 56 15.38 4.52 21.03
N SER A 57 16.01 5.67 21.20
CA SER A 57 16.19 6.23 22.55
C SER A 57 14.87 6.53 23.27
N GLN A 58 13.93 7.15 22.57
CA GLN A 58 12.66 7.49 23.18
C GLN A 58 11.81 6.27 23.50
N TRP A 59 11.79 5.27 22.61
CA TRP A 59 11.04 4.07 22.93
C TRP A 59 11.58 3.39 24.19
N LYS A 60 12.88 3.43 24.38
CA LYS A 60 13.52 2.92 25.66
C LYS A 60 13.01 3.72 26.85
N GLU A 61 13.07 5.05 26.77
CA GLU A 61 12.59 5.93 27.85
C GLU A 61 11.10 5.72 28.12
N PHE A 62 10.33 5.46 27.06
CA PHE A 62 8.88 5.24 27.20
C PHE A 62 8.54 3.95 27.98
N GLY A 63 9.51 3.03 28.06
CA GLY A 63 9.39 1.81 28.87
C GLY A 63 9.43 0.46 28.18
N LEU A 64 9.73 0.42 26.88
CA LEU A 64 9.78 -0.90 26.23
C LEU A 64 10.90 -1.75 26.79
N ASP A 65 10.71 -3.08 26.79
CA ASP A 65 11.74 -4.00 27.31
C ASP A 65 13.05 -4.02 26.55
N SER A 66 13.00 -3.93 25.22
CA SER A 66 14.21 -3.91 24.43
C SER A 66 13.90 -3.09 23.18
N VAL A 67 14.89 -2.36 22.66
CA VAL A 67 14.67 -1.58 21.42
C VAL A 67 15.97 -1.66 20.66
N GLU A 68 15.96 -2.28 19.48
CA GLU A 68 17.21 -2.48 18.75
C GLU A 68 17.07 -1.91 17.35
N LEU A 69 18.18 -1.61 16.70
CA LEU A 69 18.15 -1.27 15.30
C LEU A 69 18.49 -2.54 14.53
N ALA A 70 17.74 -2.81 13.46
CA ALA A 70 18.04 -3.94 12.56
C ALA A 70 18.40 -3.28 11.25
N HIS A 71 19.63 -3.49 10.77
CA HIS A 71 20.06 -2.79 9.55
C HIS A 71 20.27 -3.80 8.43
N TYR A 72 20.20 -3.31 7.17
CA TYR A 72 20.36 -4.16 5.97
C TYR A 72 21.00 -3.26 4.96
N ASP A 73 21.64 -3.85 3.95
CA ASP A 73 22.25 -3.07 2.85
C ASP A 73 21.51 -3.41 1.60
N VAL A 74 20.68 -2.47 1.13
CA VAL A 74 19.72 -2.72 0.02
C VAL A 74 19.95 -1.77 -1.16
N LEU A 75 19.46 -2.17 -2.33
CA LEU A 75 19.56 -1.28 -3.49
C LEU A 75 18.61 -0.10 -3.37
N LEU A 76 19.16 1.12 -3.31
CA LEU A 76 18.39 2.38 -3.37
C LEU A 76 18.77 3.15 -4.65
N SER A 77 18.11 4.29 -4.86
CA SER A 77 18.28 5.04 -6.13
C SER A 77 18.22 6.53 -5.82
N TYR A 78 19.15 7.31 -6.40
CA TYR A 78 19.17 8.75 -6.08
C TYR A 78 19.57 9.52 -7.32
N PRO A 79 19.03 10.72 -7.47
CA PRO A 79 19.53 11.55 -8.59
C PRO A 79 21.01 11.88 -8.43
N ASN A 80 21.68 12.21 -9.53
CA ASN A 80 23.07 12.70 -9.49
C ASN A 80 23.03 14.22 -9.18
N LYS A 81 23.55 14.61 -8.02
CA LYS A 81 23.54 16.00 -7.53
C LYS A 81 24.24 16.99 -8.48
N THR A 82 25.21 16.52 -9.24
CA THR A 82 25.91 17.42 -10.19
C THR A 82 25.56 17.17 -11.68
N HIS A 83 24.50 16.42 -11.94
CA HIS A 83 24.09 16.14 -13.30
C HIS A 83 22.57 15.91 -13.32
N PRO A 84 21.79 17.00 -13.19
CA PRO A 84 20.34 16.97 -12.94
C PRO A 84 19.51 16.33 -14.03
N ASN A 85 18.41 15.69 -13.59
CA ASN A 85 17.44 15.11 -14.49
C ASN A 85 16.50 16.19 -15.02
N TYR A 86 16.19 16.12 -16.31
CA TYR A 86 15.18 17.04 -16.87
C TYR A 86 14.70 16.54 -18.22
N ILE A 87 13.63 17.15 -18.73
CA ILE A 87 13.08 16.79 -20.03
C ILE A 87 13.09 18.08 -20.88
N SER A 88 13.37 17.93 -22.16
CA SER A 88 13.31 19.06 -23.11
C SER A 88 12.39 18.82 -24.29
N ILE A 89 11.89 19.94 -24.86
CA ILE A 89 11.46 19.90 -26.26
C ILE A 89 12.69 20.41 -27.04
N ILE A 90 13.06 19.64 -28.06
CA ILE A 90 14.28 19.88 -28.81
C ILE A 90 13.88 20.17 -30.27
N ASN A 91 14.39 21.27 -30.83
CA ASN A 91 14.05 21.57 -32.24
C ASN A 91 14.91 20.79 -33.22
N GLU A 92 14.57 20.94 -34.51
CA GLU A 92 15.30 20.39 -35.67
C GLU A 92 16.83 20.31 -35.58
N ASP A 93 17.48 21.38 -35.08
CA ASP A 93 18.94 21.47 -35.03
C ASP A 93 19.52 20.88 -33.74
N GLY A 94 18.65 20.46 -32.83
CA GLY A 94 19.08 19.95 -31.54
C GLY A 94 19.20 21.01 -30.47
N ASN A 95 18.53 22.15 -30.66
CA ASN A 95 18.48 23.18 -29.61
C ASN A 95 17.34 22.81 -28.65
N GLU A 96 17.63 22.82 -27.36
CA GLU A 96 16.60 22.58 -26.35
C GLU A 96 15.83 23.86 -26.10
N ILE A 97 14.63 23.92 -26.64
CA ILE A 97 13.82 25.14 -26.60
C ILE A 97 12.91 25.28 -25.39
N PHE A 98 12.70 24.18 -24.67
CA PHE A 98 11.94 24.24 -23.41
C PHE A 98 12.56 23.17 -22.52
N ASN A 99 12.78 23.52 -21.26
CA ASN A 99 13.28 22.55 -20.27
C ASN A 99 12.33 22.48 -19.11
N THR A 100 12.05 21.27 -18.62
CA THR A 100 11.29 21.14 -17.36
C THR A 100 12.13 21.59 -16.16
N SER A 101 11.46 21.83 -15.03
CA SER A 101 12.10 22.37 -13.84
C SER A 101 13.15 21.44 -13.22
N LEU A 102 14.18 21.99 -12.58
CA LEU A 102 15.19 21.14 -11.94
C LEU A 102 14.82 20.88 -10.46
N PHE A 103 13.80 21.58 -9.96
CA PHE A 103 13.35 21.38 -8.56
C PHE A 103 12.01 22.02 -8.33
N GLU A 104 11.29 21.62 -7.27
CA GLU A 104 10.01 22.24 -6.91
C GLU A 104 10.29 23.53 -6.12
N PRO A 105 9.61 24.63 -6.46
CA PRO A 105 9.81 25.83 -5.63
C PRO A 105 9.54 25.52 -4.16
N PRO A 106 10.53 25.73 -3.28
CA PRO A 106 10.26 25.30 -1.89
C PRO A 106 9.22 26.14 -1.18
N PRO A 107 8.51 25.54 -0.23
CA PRO A 107 7.46 26.34 0.40
C PRO A 107 8.01 27.40 1.38
N PRO A 108 7.16 28.37 1.76
CA PRO A 108 7.59 29.47 2.64
C PRO A 108 8.33 29.05 3.90
N GLY A 109 9.52 29.60 4.10
CA GLY A 109 10.29 29.33 5.30
C GLY A 109 11.24 28.12 5.18
N TYR A 110 11.13 27.41 4.06
CA TYR A 110 11.97 26.23 3.78
C TYR A 110 12.81 26.45 2.56
N GLU A 111 12.79 27.66 2.02
CA GLU A 111 13.54 27.95 0.82
C GLU A 111 15.08 27.82 1.04
N ASN A 112 15.51 27.70 2.31
CA ASN A 112 16.93 27.48 2.67
C ASN A 112 17.23 26.10 3.33
N VAL A 113 16.26 25.20 3.28
CA VAL A 113 16.49 23.83 3.71
C VAL A 113 17.33 23.13 2.63
N SER A 114 18.36 22.43 3.08
CA SER A 114 19.19 21.69 2.16
C SER A 114 18.77 20.22 2.13
N ASP A 115 19.31 19.50 1.13
CA ASP A 115 19.09 18.08 1.04
C ASP A 115 17.62 17.77 0.72
N ILE A 116 16.91 18.68 0.06
CA ILE A 116 15.61 18.29 -0.47
C ILE A 116 15.86 17.54 -1.79
N VAL A 117 15.48 16.27 -1.88
CA VAL A 117 15.76 15.55 -3.11
C VAL A 117 14.87 16.09 -4.24
N PRO A 118 15.45 16.44 -5.40
CA PRO A 118 14.53 16.93 -6.46
C PRO A 118 13.63 15.81 -6.95
N PRO A 119 12.50 16.16 -7.59
CA PRO A 119 11.62 15.13 -8.13
C PRO A 119 12.36 14.19 -9.08
N PHE A 120 12.14 12.89 -8.90
CA PHE A 120 12.66 11.86 -9.77
C PHE A 120 11.85 10.60 -9.56
N SER A 121 12.01 9.66 -10.50
CA SER A 121 11.35 8.33 -10.43
C SER A 121 12.42 7.35 -9.93
N ALA A 122 12.33 6.92 -8.67
CA ALA A 122 13.37 6.03 -8.15
C ALA A 122 13.42 4.71 -8.94
N PHE A 123 14.65 4.32 -9.28
CA PHE A 123 15.07 3.11 -10.00
C PHE A 123 15.01 3.26 -11.51
N SER A 124 14.67 4.46 -11.95
CA SER A 124 14.76 4.70 -13.43
C SER A 124 16.20 4.35 -13.88
N PRO A 125 16.34 3.67 -15.04
CA PRO A 125 17.69 3.57 -15.60
C PRO A 125 18.10 4.92 -16.18
N GLN A 126 19.38 5.04 -16.49
CA GLN A 126 19.93 6.24 -17.15
C GLN A 126 19.63 6.18 -18.64
N GLY A 127 19.53 7.36 -19.26
CA GLY A 127 19.38 7.37 -20.71
C GLY A 127 19.05 8.77 -21.16
N MET A 128 19.17 8.99 -22.48
CA MET A 128 18.72 10.24 -23.08
C MET A 128 17.89 9.99 -24.34
N PRO A 129 16.80 9.21 -24.23
CA PRO A 129 15.94 8.94 -25.39
C PRO A 129 15.31 10.23 -25.97
N GLU A 130 15.25 10.34 -27.31
CA GLU A 130 14.54 11.46 -27.98
C GLU A 130 13.49 10.86 -28.90
N GLY A 131 12.29 11.42 -28.93
CA GLY A 131 11.26 10.87 -29.80
C GLY A 131 9.96 11.64 -29.77
N ASP A 132 8.95 11.07 -30.42
CA ASP A 132 7.62 11.67 -30.49
C ASP A 132 6.80 11.15 -29.33
N LEU A 133 6.01 12.02 -28.76
CA LEU A 133 5.15 11.71 -27.64
C LEU A 133 3.90 10.95 -28.07
N VAL A 134 3.45 10.03 -27.21
CA VAL A 134 2.08 9.52 -27.29
C VAL A 134 1.45 9.72 -25.91
N TYR A 135 0.24 10.22 -25.88
CA TYR A 135 -0.49 10.42 -24.62
C TYR A 135 -1.36 9.21 -24.33
N VAL A 136 -1.18 8.63 -23.13
CA VAL A 136 -1.79 7.32 -22.84
C VAL A 136 -2.75 7.33 -21.64
N ASN A 137 -3.27 8.50 -21.31
CA ASN A 137 -4.27 8.69 -20.25
C ASN A 137 -3.54 8.27 -18.97
N TYR A 138 -4.15 7.34 -18.22
CA TYR A 138 -3.52 6.90 -16.98
C TYR A 138 -2.59 5.72 -17.15
N ALA A 139 -2.30 5.32 -18.40
CA ALA A 139 -1.42 4.22 -18.70
C ALA A 139 -1.86 2.89 -18.03
N ARG A 140 -3.18 2.77 -17.82
CA ARG A 140 -3.78 1.48 -17.36
C ARG A 140 -3.80 0.42 -18.46
N THR A 141 -4.00 -0.84 -18.06
CA THR A 141 -4.10 -1.91 -19.04
C THR A 141 -5.19 -1.56 -20.09
N GLU A 142 -6.36 -1.13 -19.61
CA GLU A 142 -7.46 -0.77 -20.54
C GLU A 142 -7.17 0.48 -21.39
N ASP A 143 -6.32 1.38 -20.89
CA ASP A 143 -5.90 2.55 -21.74
C ASP A 143 -5.04 2.08 -22.91
N PHE A 144 -4.10 1.16 -22.64
CA PHE A 144 -3.29 0.59 -23.70
C PHE A 144 -4.10 -0.31 -24.64
N PHE A 145 -5.09 -1.02 -24.10
CA PHE A 145 -6.00 -1.79 -24.97
C PHE A 145 -6.67 -0.84 -25.99
N LYS A 146 -7.21 0.28 -25.49
CA LYS A 146 -7.94 1.27 -26.31
C LYS A 146 -7.05 1.84 -27.41
N LEU A 147 -5.82 2.22 -27.04
CA LEU A 147 -4.84 2.73 -28.01
C LEU A 147 -4.49 1.76 -29.09
N GLU A 148 -4.12 0.55 -28.69
CA GLU A 148 -3.57 -0.44 -29.62
C GLU A 148 -4.65 -1.18 -30.38
N ARG A 149 -5.73 -1.53 -29.69
CA ARG A 149 -6.72 -2.40 -30.28
C ARG A 149 -7.80 -1.64 -31.01
N ASP A 150 -8.19 -0.49 -30.47
CA ASP A 150 -9.29 0.27 -31.06
C ASP A 150 -8.80 1.42 -31.94
N MET A 151 -7.79 2.16 -31.48
CA MET A 151 -7.33 3.33 -32.20
C MET A 151 -6.20 2.98 -33.15
N LYS A 152 -5.66 1.77 -32.99
CA LYS A 152 -4.55 1.28 -33.79
C LYS A 152 -3.35 2.22 -33.71
N ILE A 153 -3.09 2.78 -32.52
CA ILE A 153 -1.87 3.57 -32.33
C ILE A 153 -0.74 2.71 -31.80
N ASN A 154 0.44 2.84 -32.38
CA ASN A 154 1.57 2.02 -31.99
C ASN A 154 2.55 2.81 -31.11
N CYS A 155 2.79 2.31 -29.89
CA CYS A 155 3.67 3.02 -28.95
C CYS A 155 5.12 2.65 -29.10
N SER A 156 5.41 1.66 -29.93
CA SER A 156 6.78 1.21 -30.11
C SER A 156 7.72 2.36 -30.50
N GLY A 157 8.83 2.50 -29.78
CA GLY A 157 9.79 3.57 -30.02
C GLY A 157 9.32 4.98 -29.70
N LYS A 158 8.14 5.14 -29.10
CA LYS A 158 7.61 6.44 -28.69
C LYS A 158 7.97 6.74 -27.23
N ILE A 159 7.99 8.01 -26.88
CA ILE A 159 7.97 8.42 -25.47
C ILE A 159 6.52 8.53 -25.08
N VAL A 160 6.14 7.87 -23.99
CA VAL A 160 4.76 7.95 -23.55
C VAL A 160 4.65 9.01 -22.44
N ILE A 161 3.57 9.78 -22.46
CA ILE A 161 3.24 10.66 -21.37
C ILE A 161 1.88 10.26 -20.79
N ALA A 162 1.83 10.16 -19.46
CA ALA A 162 0.73 9.56 -18.74
C ALA A 162 0.48 10.40 -17.54
N ARG A 163 -0.78 10.60 -17.18
CA ARG A 163 -1.11 11.26 -15.96
C ARG A 163 -1.10 10.27 -14.81
N TYR A 164 -0.59 10.73 -13.68
CA TYR A 164 -0.67 9.98 -12.43
C TYR A 164 -2.12 9.77 -12.06
N GLY A 165 -2.39 8.71 -11.29
CA GLY A 165 -3.74 8.52 -10.73
C GLY A 165 -4.22 7.11 -11.04
N LYS A 166 -5.23 6.70 -10.26
CA LYS A 166 -6.00 5.45 -10.49
C LYS A 166 -5.27 4.16 -10.17
N VAL A 167 -4.03 4.04 -10.64
CA VAL A 167 -3.21 2.82 -10.39
C VAL A 167 -1.78 3.16 -9.97
N PHE A 168 -1.14 2.19 -9.29
CA PHE A 168 0.26 2.40 -8.87
C PHE A 168 1.16 2.75 -10.09
N ARG A 169 2.03 3.74 -9.91
CA ARG A 169 2.94 4.17 -11.05
C ARG A 169 3.83 3.07 -11.65
N GLY A 170 4.24 2.07 -10.84
CA GLY A 170 5.01 0.97 -11.37
C GLY A 170 4.23 0.15 -12.41
N ASN A 171 2.91 0.00 -12.22
CA ASN A 171 2.09 -0.67 -13.22
C ASN A 171 2.03 0.12 -14.55
N LYS A 172 1.95 1.45 -14.44
CA LYS A 172 1.99 2.32 -15.65
C LYS A 172 3.25 2.09 -16.46
N VAL A 173 4.41 2.04 -15.78
CA VAL A 173 5.69 1.89 -16.42
C VAL A 173 5.81 0.48 -17.04
N LYS A 174 5.36 -0.56 -16.29
CA LYS A 174 5.36 -1.92 -16.85
C LYS A 174 4.52 -1.95 -18.12
N ASN A 175 3.34 -1.33 -18.06
CA ASN A 175 2.41 -1.32 -19.23
C ASN A 175 3.08 -0.57 -20.40
N ALA A 176 3.72 0.56 -20.13
CA ALA A 176 4.42 1.32 -21.20
C ALA A 176 5.56 0.49 -21.78
N GLN A 177 6.31 -0.19 -20.92
CA GLN A 177 7.42 -1.01 -21.36
C GLN A 177 6.90 -2.10 -22.31
N LEU A 178 5.80 -2.76 -21.94
CA LEU A 178 5.32 -3.86 -22.76
C LEU A 178 4.66 -3.40 -24.08
N ALA A 179 4.20 -2.15 -24.10
CA ALA A 179 3.79 -1.48 -25.34
C ALA A 179 4.96 -1.07 -26.24
N GLY A 180 6.19 -1.24 -25.76
CA GLY A 180 7.41 -0.89 -26.54
C GLY A 180 7.85 0.57 -26.44
N ALA A 181 7.28 1.34 -25.50
CA ALA A 181 7.76 2.71 -25.24
C ALA A 181 9.27 2.78 -25.00
N LYS A 182 9.90 3.91 -25.38
CA LYS A 182 11.30 4.10 -25.02
C LYS A 182 11.56 5.01 -23.84
N GLY A 183 10.50 5.52 -23.24
CA GLY A 183 10.64 6.36 -22.05
C GLY A 183 9.25 6.67 -21.59
N VAL A 184 9.10 7.11 -20.33
CA VAL A 184 7.80 7.48 -19.79
C VAL A 184 7.92 8.79 -19.03
N ILE A 185 6.98 9.69 -19.27
CA ILE A 185 6.86 10.96 -18.53
C ILE A 185 5.56 10.90 -17.73
N LEU A 186 5.67 10.98 -16.42
CA LEU A 186 4.48 10.99 -15.56
C LEU A 186 4.21 12.41 -15.14
N TYR A 187 2.95 12.80 -15.10
CA TYR A 187 2.63 14.15 -14.61
C TYR A 187 1.36 14.21 -13.80
N SER A 188 1.23 15.22 -12.94
CA SER A 188 0.03 15.39 -12.15
C SER A 188 -0.99 16.30 -12.86
N ASP A 189 -2.12 15.75 -13.29
CA ASP A 189 -3.16 16.62 -13.88
C ASP A 189 -4.00 17.27 -12.81
N PRO A 190 -4.37 18.58 -12.97
CA PRO A 190 -5.27 19.13 -11.99
C PRO A 190 -6.60 18.40 -11.89
N ALA A 191 -7.01 17.65 -12.91
CA ALA A 191 -8.29 16.93 -12.81
C ALA A 191 -8.26 15.98 -11.58
N ASP A 192 -7.06 15.44 -11.33
CA ASP A 192 -6.84 14.40 -10.29
C ASP A 192 -6.18 14.97 -9.02
N TYR A 193 -5.48 16.10 -9.16
CA TYR A 193 -4.75 16.67 -8.04
C TYR A 193 -5.07 18.13 -7.66
N PHE A 194 -6.18 18.68 -8.17
CA PHE A 194 -6.59 20.05 -7.80
C PHE A 194 -8.09 20.02 -7.55
N ALA A 195 -8.50 19.99 -6.28
CA ALA A 195 -9.91 19.91 -5.88
C ALA A 195 -10.58 21.27 -6.20
N PRO A 196 -11.72 21.26 -6.91
CA PRO A 196 -12.43 22.54 -7.19
C PRO A 196 -12.68 23.39 -5.95
N GLY A 197 -12.39 24.70 -6.05
CA GLY A 197 -12.72 25.62 -4.97
C GLY A 197 -11.74 25.75 -3.83
N VAL A 198 -10.59 25.04 -3.91
CA VAL A 198 -9.58 25.10 -2.85
C VAL A 198 -8.31 25.71 -3.45
N LYS A 199 -7.56 26.44 -2.66
CA LYS A 199 -6.39 27.14 -3.16
C LYS A 199 -5.16 26.22 -3.12
N SER A 200 -4.21 26.46 -4.01
CA SER A 200 -2.87 25.84 -4.02
C SER A 200 -2.12 26.09 -2.76
N TYR A 201 -1.22 25.15 -2.44
CA TYR A 201 -0.34 25.36 -1.33
C TYR A 201 0.63 26.54 -1.48
N PRO A 202 0.56 27.48 -0.53
CA PRO A 202 0.68 27.51 0.93
C PRO A 202 -0.70 27.95 1.48
N ASP A 203 -1.61 28.28 0.57
CA ASP A 203 -2.87 28.93 0.95
C ASP A 203 -4.05 27.97 1.00
N GLY A 204 -3.81 26.73 0.55
CA GLY A 204 -4.79 25.68 0.68
C GLY A 204 -4.08 24.36 0.50
N TRP A 205 -4.84 23.29 0.33
CA TRP A 205 -4.20 21.95 0.26
C TRP A 205 -4.05 21.38 -1.14
N ASN A 206 -4.27 22.21 -2.16
CA ASN A 206 -4.10 21.78 -3.56
C ASN A 206 -2.68 21.80 -4.08
N LEU A 207 -2.42 21.06 -5.17
CA LEU A 207 -1.11 20.98 -5.73
C LEU A 207 -0.89 22.19 -6.65
N PRO A 208 0.21 22.93 -6.42
CA PRO A 208 0.59 24.01 -7.35
C PRO A 208 1.16 23.47 -8.64
N GLY A 209 1.20 24.32 -9.66
CA GLY A 209 1.64 23.83 -10.95
C GLY A 209 3.10 23.43 -11.02
N GLY A 210 3.89 23.88 -10.05
CA GLY A 210 5.32 23.51 -9.98
C GLY A 210 5.51 22.28 -9.08
N GLY A 211 4.43 21.83 -8.45
CA GLY A 211 4.53 20.64 -7.52
C GLY A 211 4.70 19.35 -8.32
N VAL A 212 5.41 18.37 -7.75
CA VAL A 212 5.68 17.11 -8.47
C VAL A 212 5.67 15.94 -7.46
N GLN A 213 5.11 14.84 -7.90
CA GLN A 213 4.98 13.65 -7.04
C GLN A 213 6.14 12.73 -7.32
N ARG A 214 6.99 12.54 -6.31
CA ARG A 214 8.05 11.53 -6.33
C ARG A 214 7.43 10.10 -6.18
N GLY A 215 8.27 9.11 -6.44
CA GLY A 215 7.88 7.72 -6.14
C GLY A 215 8.63 6.69 -6.92
N ASN A 216 8.79 5.51 -6.32
CA ASN A 216 9.45 4.44 -7.06
C ASN A 216 8.55 3.80 -8.13
N ILE A 217 9.21 3.21 -9.14
CA ILE A 217 8.52 2.63 -10.30
C ILE A 217 8.90 1.17 -10.50
N LEU A 218 9.23 0.52 -9.37
CA LEU A 218 9.56 -0.90 -9.40
C LEU A 218 8.33 -1.77 -9.59
N ASN A 219 8.59 -3.00 -10.05
CA ASN A 219 7.55 -4.06 -10.08
C ASN A 219 8.13 -5.27 -9.34
N LEU A 220 8.17 -5.18 -8.00
CA LEU A 220 8.86 -6.21 -7.21
C LEU A 220 8.00 -7.43 -6.91
N ASN A 221 6.68 -7.27 -7.01
CA ASN A 221 5.74 -8.37 -6.68
C ASN A 221 6.08 -9.06 -5.35
N GLY A 222 6.44 -8.24 -4.38
CA GLY A 222 6.65 -8.75 -3.05
C GLY A 222 8.06 -9.15 -2.72
N ALA A 223 9.00 -8.96 -3.66
CA ALA A 223 10.34 -9.52 -3.40
C ALA A 223 11.20 -8.81 -2.37
N GLY A 224 10.96 -7.54 -2.10
CA GLY A 224 11.85 -6.78 -1.21
C GLY A 224 13.07 -6.26 -1.97
N ASP A 225 14.23 -6.18 -1.29
CA ASP A 225 15.44 -5.66 -1.96
C ASP A 225 15.63 -6.35 -3.32
N PRO A 226 15.76 -5.55 -4.40
CA PRO A 226 15.93 -6.19 -5.70
C PRO A 226 17.05 -7.22 -5.85
N LEU A 227 18.10 -7.06 -5.04
CA LEU A 227 19.30 -7.92 -5.18
C LEU A 227 19.31 -9.24 -4.35
N THR A 228 18.37 -9.37 -3.42
CA THR A 228 18.39 -10.53 -2.49
C THR A 228 16.99 -11.20 -2.27
N PRO A 229 16.28 -11.52 -3.35
CA PRO A 229 14.92 -12.04 -3.14
C PRO A 229 14.95 -13.37 -2.37
N GLY A 230 14.16 -13.44 -1.29
CA GLY A 230 14.05 -14.64 -0.46
C GLY A 230 14.84 -14.61 0.83
N TYR A 231 15.87 -13.75 0.91
CA TYR A 231 16.82 -13.81 2.03
C TYR A 231 17.18 -12.40 2.50
N PRO A 232 17.48 -12.23 3.80
CA PRO A 232 17.78 -10.86 4.22
C PRO A 232 19.09 -10.31 3.69
N ALA A 233 19.09 -9.01 3.40
CA ALA A 233 20.25 -8.34 2.85
C ALA A 233 21.26 -8.00 4.00
N ASN A 234 21.76 -9.06 4.63
CA ASN A 234 22.65 -8.89 5.77
C ASN A 234 24.09 -8.72 5.29
N GLU A 235 25.04 -8.83 6.24
CA GLU A 235 26.43 -8.55 5.98
C GLU A 235 27.07 -9.53 4.99
N TYR A 236 26.64 -10.79 5.04
CA TYR A 236 27.27 -11.77 4.16
C TYR A 236 26.42 -12.19 2.97
N ALA A 237 25.36 -11.42 2.70
CA ALA A 237 24.43 -11.77 1.63
C ALA A 237 25.11 -11.87 0.28
N TYR A 238 24.70 -12.85 -0.53
CA TYR A 238 25.10 -12.94 -1.94
C TYR A 238 24.07 -12.12 -2.69
N ARG A 239 24.55 -11.21 -3.52
CA ARG A 239 23.65 -10.32 -4.25
C ARG A 239 23.66 -10.69 -5.69
N ARG A 240 22.47 -10.65 -6.28
CA ARG A 240 22.36 -10.75 -7.74
C ARG A 240 23.10 -9.58 -8.36
N GLY A 241 23.59 -9.82 -9.58
CA GLY A 241 24.07 -8.72 -10.39
C GLY A 241 22.87 -7.90 -10.84
N ILE A 242 23.12 -6.62 -11.13
CA ILE A 242 22.07 -5.72 -11.58
C ILE A 242 21.21 -6.29 -12.72
N ALA A 243 21.82 -6.99 -13.68
CA ALA A 243 21.05 -7.49 -14.80
C ALA A 243 20.04 -8.56 -14.41
N GLU A 244 20.24 -9.21 -13.25
CA GLU A 244 19.31 -10.25 -12.78
C GLU A 244 18.47 -9.72 -11.58
N ALA A 245 18.61 -8.44 -11.25
CA ALA A 245 17.84 -7.86 -10.13
C ALA A 245 16.34 -7.98 -10.42
N VAL A 246 15.55 -8.02 -9.34
CA VAL A 246 14.13 -8.09 -9.51
C VAL A 246 13.48 -6.72 -9.68
N GLY A 247 12.62 -6.60 -10.70
CA GLY A 247 11.66 -5.50 -10.74
C GLY A 247 12.08 -4.16 -11.31
N LEU A 248 13.29 -4.08 -11.83
CA LEU A 248 13.80 -2.79 -12.35
C LEU A 248 13.24 -2.47 -13.71
N PRO A 249 12.86 -1.19 -13.95
CA PRO A 249 12.34 -0.80 -15.26
C PRO A 249 13.47 -0.75 -16.28
N SER A 250 13.13 -0.94 -17.55
CA SER A 250 14.14 -0.98 -18.62
C SER A 250 14.20 0.29 -19.46
N ILE A 251 13.30 1.22 -19.17
CA ILE A 251 13.24 2.52 -19.91
C ILE A 251 13.26 3.68 -18.91
N PRO A 252 13.88 4.81 -19.29
CA PRO A 252 13.90 5.99 -18.42
C PRO A 252 12.51 6.55 -18.10
N VAL A 253 12.34 7.06 -16.86
CA VAL A 253 11.06 7.58 -16.42
C VAL A 253 11.30 8.83 -15.61
N HIS A 254 10.42 9.83 -15.71
CA HIS A 254 10.62 11.05 -14.90
C HIS A 254 9.28 11.73 -14.65
N PRO A 255 9.05 12.24 -13.42
CA PRO A 255 7.78 12.93 -13.17
C PRO A 255 7.92 14.47 -13.23
N ILE A 256 6.81 15.11 -13.59
CA ILE A 256 6.75 16.57 -13.73
C ILE A 256 5.39 17.11 -13.24
N GLY A 257 5.35 18.43 -13.01
CA GLY A 257 4.16 19.16 -12.61
C GLY A 257 3.30 19.58 -13.81
N TYR A 258 2.15 20.16 -13.52
CA TYR A 258 1.22 20.43 -14.63
C TYR A 258 1.58 21.71 -15.41
N TYR A 259 2.32 22.64 -14.81
CA TYR A 259 2.87 23.76 -15.65
C TYR A 259 3.78 23.23 -16.74
N ASP A 260 4.69 22.32 -16.37
CA ASP A 260 5.54 21.68 -17.36
C ASP A 260 4.79 20.77 -18.33
N ALA A 261 3.80 20.05 -17.80
CA ALA A 261 3.03 19.11 -18.64
C ALA A 261 2.27 19.88 -19.72
N GLN A 262 1.75 21.04 -19.35
CA GLN A 262 0.98 21.89 -20.28
C GLN A 262 1.86 22.19 -21.51
N LYS A 263 3.11 22.54 -21.24
CA LYS A 263 4.02 22.81 -22.32
C LYS A 263 4.26 21.61 -23.22
N LEU A 264 4.33 20.40 -22.66
CA LEU A 264 4.57 19.21 -23.49
C LEU A 264 3.33 18.75 -24.25
N LEU A 265 2.16 18.98 -23.67
CA LEU A 265 0.91 18.49 -24.24
C LEU A 265 0.28 19.47 -25.24
N GLU A 266 0.55 20.76 -25.09
CA GLU A 266 -0.19 21.76 -25.90
C GLU A 266 0.05 21.59 -27.42
N LYS A 267 1.23 21.14 -27.79
CA LYS A 267 1.55 20.97 -29.20
C LYS A 267 1.12 19.64 -29.78
N MET A 268 0.50 18.78 -28.96
CA MET A 268 0.24 17.40 -29.44
C MET A 268 -0.75 17.29 -30.62
N GLY A 269 -0.35 16.50 -31.62
CA GLY A 269 -1.17 16.23 -32.80
C GLY A 269 -1.72 14.82 -32.91
N GLY A 270 -1.71 14.26 -34.12
CA GLY A 270 -2.35 12.96 -34.38
C GLY A 270 -3.81 12.91 -33.96
N SER A 271 -4.27 11.73 -33.52
CA SER A 271 -5.69 11.48 -33.21
C SER A 271 -6.21 12.24 -32.02
N ALA A 272 -7.50 12.56 -32.03
CA ALA A 272 -8.14 13.20 -30.90
C ALA A 272 -8.29 12.15 -29.79
N PRO A 273 -8.53 12.61 -28.55
CA PRO A 273 -8.83 11.67 -27.45
C PRO A 273 -10.08 10.88 -27.82
N PRO A 274 -10.10 9.57 -27.52
CA PRO A 274 -11.22 8.74 -27.94
C PRO A 274 -12.55 9.12 -27.27
N ASP A 275 -12.47 9.74 -26.11
CA ASP A 275 -13.66 10.16 -25.38
C ASP A 275 -13.25 11.02 -24.20
N SER A 276 -14.24 11.52 -23.47
CA SER A 276 -14.02 12.53 -22.45
C SER A 276 -13.25 12.01 -21.20
N SER A 277 -13.32 10.71 -20.93
CA SER A 277 -12.61 10.11 -19.77
C SER A 277 -11.09 10.20 -19.95
N TRP A 278 -10.66 10.57 -21.16
CA TRP A 278 -9.25 10.78 -21.49
C TRP A 278 -8.79 12.25 -21.35
N ARG A 279 -9.72 13.17 -21.18
CA ARG A 279 -9.41 14.57 -21.03
C ARG A 279 -9.28 14.99 -19.57
N GLY A 280 -8.13 15.54 -19.21
CA GLY A 280 -7.93 16.19 -17.90
C GLY A 280 -8.44 17.64 -17.90
N SER A 281 -7.97 18.46 -16.97
CA SER A 281 -8.50 19.82 -16.79
C SER A 281 -7.63 20.93 -17.39
N LEU A 282 -6.54 20.57 -18.05
CA LEU A 282 -5.68 21.59 -18.63
C LEU A 282 -6.29 22.09 -19.96
N LYS A 283 -5.86 23.28 -20.34
CA LYS A 283 -6.39 23.91 -21.53
C LYS A 283 -5.60 23.43 -22.73
N VAL A 284 -5.75 22.14 -23.01
CA VAL A 284 -5.13 21.47 -24.15
C VAL A 284 -6.12 20.47 -24.76
N PRO A 285 -5.87 20.04 -26.01
CA PRO A 285 -6.82 19.12 -26.66
C PRO A 285 -6.78 17.68 -26.10
N TYR A 286 -5.66 17.29 -25.49
CA TYR A 286 -5.46 15.89 -25.04
C TYR A 286 -5.43 14.93 -26.21
N ASN A 287 -4.89 15.40 -27.34
CA ASN A 287 -4.63 14.54 -28.48
C ASN A 287 -3.66 13.42 -28.09
N VAL A 288 -3.88 12.25 -28.65
CA VAL A 288 -3.07 11.08 -28.31
C VAL A 288 -1.76 11.09 -29.09
N GLY A 289 -1.74 11.86 -30.20
CA GLY A 289 -0.60 11.91 -31.12
C GLY A 289 -0.43 10.60 -31.83
N PRO A 290 0.73 10.39 -32.40
CA PRO A 290 2.09 10.30 -31.92
C PRO A 290 2.58 11.68 -32.41
N GLY A 291 3.36 12.39 -31.61
CA GLY A 291 3.98 13.63 -32.09
C GLY A 291 3.11 14.88 -32.08
N PHE A 292 3.72 15.97 -32.56
CA PHE A 292 3.16 17.33 -32.49
C PHE A 292 2.43 17.72 -33.79
N THR A 293 1.53 18.70 -33.72
CA THR A 293 0.81 19.20 -34.92
C THR A 293 1.75 19.82 -35.98
N GLY A 294 1.30 19.77 -37.23
CA GLY A 294 2.08 20.18 -38.42
C GLY A 294 3.22 21.16 -38.28
N ASN A 295 2.94 22.33 -37.71
CA ASN A 295 3.97 23.37 -37.56
C ASN A 295 5.20 22.96 -36.74
N PHE A 296 4.98 22.12 -35.74
CA PHE A 296 6.04 21.67 -34.83
C PHE A 296 6.39 20.22 -35.06
N SER A 297 5.90 19.68 -36.18
CA SER A 297 6.06 18.26 -36.50
C SER A 297 7.50 17.76 -36.42
N THR A 298 8.47 18.67 -36.47
CA THR A 298 9.88 18.26 -36.49
C THR A 298 10.57 18.42 -35.12
N GLN A 299 9.90 19.06 -34.18
CA GLN A 299 10.35 19.11 -32.79
C GLN A 299 10.15 17.71 -32.17
N LYS A 300 11.03 17.36 -31.23
CA LYS A 300 10.93 16.07 -30.54
C LYS A 300 10.99 16.32 -29.03
N VAL A 301 10.73 15.28 -28.23
CA VAL A 301 10.94 15.37 -26.79
C VAL A 301 12.15 14.55 -26.40
N LYS A 302 12.98 15.10 -25.52
CA LYS A 302 14.19 14.42 -25.11
C LYS A 302 14.33 14.37 -23.59
N MET A 303 14.54 13.16 -23.06
CA MET A 303 14.70 12.99 -21.61
C MET A 303 16.18 12.98 -21.28
N HIS A 304 16.53 13.42 -20.07
CA HIS A 304 17.92 13.33 -19.60
C HIS A 304 17.88 12.78 -18.20
N ILE A 305 18.15 11.49 -18.09
CA ILE A 305 18.06 10.83 -16.78
C ILE A 305 19.40 10.24 -16.40
N HIS A 306 19.90 10.62 -15.23
CA HIS A 306 21.24 10.26 -14.77
C HIS A 306 21.33 9.72 -13.33
N SER A 307 20.17 9.33 -12.81
CA SER A 307 20.08 8.77 -11.45
C SER A 307 20.91 7.50 -11.40
N THR A 308 21.35 7.12 -10.20
CA THR A 308 22.13 5.89 -10.03
C THR A 308 21.55 5.02 -8.92
N ASN A 309 21.65 3.72 -9.09
CA ASN A 309 21.20 2.75 -8.09
C ASN A 309 22.44 2.44 -7.28
N GLU A 310 22.29 2.31 -5.98
CA GLU A 310 23.43 2.22 -5.08
C GLU A 310 23.02 1.38 -3.86
N VAL A 311 23.82 0.39 -3.52
CA VAL A 311 23.53 -0.41 -2.29
C VAL A 311 23.85 0.51 -1.10
N THR A 312 22.89 0.65 -0.19
CA THR A 312 22.94 1.64 0.86
C THR A 312 22.35 1.04 2.16
N ARG A 313 22.88 1.42 3.32
CA ARG A 313 22.42 0.81 4.59
C ARG A 313 21.12 1.51 5.02
N ILE A 314 20.18 0.71 5.53
CA ILE A 314 18.90 1.22 6.04
C ILE A 314 18.74 0.63 7.45
N TYR A 315 17.87 1.23 8.23
CA TYR A 315 17.76 0.90 9.64
C TYR A 315 16.32 0.80 10.10
N ASN A 316 15.90 -0.35 10.57
CA ASN A 316 14.58 -0.45 11.21
C ASN A 316 14.72 -0.35 12.71
N VAL A 317 13.78 0.29 13.40
CA VAL A 317 13.79 0.26 14.90
C VAL A 317 12.74 -0.78 15.30
N ILE A 318 13.12 -1.72 16.18
CA ILE A 318 12.23 -2.79 16.59
C ILE A 318 12.16 -2.76 18.13
N GLY A 319 11.00 -2.45 18.66
CA GLY A 319 10.80 -2.40 20.13
C GLY A 319 9.95 -3.57 20.56
N THR A 320 10.24 -4.13 21.74
CA THR A 320 9.50 -5.28 22.23
C THR A 320 8.87 -4.95 23.57
N LEU A 321 7.60 -5.26 23.74
CA LEU A 321 6.95 -5.26 25.07
C LEU A 321 6.55 -6.71 25.33
N ARG A 322 7.34 -7.39 26.15
CA ARG A 322 7.08 -8.83 26.40
C ARG A 322 5.76 -9.17 27.07
N GLY A 323 5.02 -10.15 26.51
CA GLY A 323 3.74 -10.63 27.04
C GLY A 323 3.94 -11.34 28.39
N ALA A 324 2.93 -11.17 29.24
CA ALA A 324 2.98 -11.74 30.61
C ALA A 324 2.63 -13.22 30.58
N VAL A 325 1.80 -13.64 29.62
CA VAL A 325 1.22 -15.01 29.65
C VAL A 325 1.65 -15.79 28.39
N GLU A 326 1.51 -15.13 27.24
CA GLU A 326 1.98 -15.75 25.97
C GLU A 326 3.05 -14.92 25.25
N PRO A 327 4.27 -14.85 25.80
CA PRO A 327 5.38 -14.06 25.25
C PRO A 327 5.80 -14.54 23.87
N ASP A 328 5.43 -15.77 23.53
CA ASP A 328 5.78 -16.33 22.21
C ASP A 328 4.62 -16.14 21.23
N ARG A 329 3.76 -15.12 21.42
CA ARG A 329 2.74 -14.78 20.47
C ARG A 329 2.91 -13.28 20.22
N TYR A 330 3.03 -12.89 18.94
CA TYR A 330 3.42 -11.51 18.63
C TYR A 330 2.31 -10.80 17.92
N VAL A 331 2.00 -9.61 18.44
CA VAL A 331 1.06 -8.72 17.80
C VAL A 331 1.94 -7.52 17.39
N ILE A 332 1.94 -7.16 16.10
CA ILE A 332 2.92 -6.22 15.58
C ILE A 332 2.22 -4.95 15.13
N LEU A 333 2.73 -3.79 15.57
CA LEU A 333 2.27 -2.49 15.04
C LEU A 333 3.44 -1.87 14.32
N GLY A 334 3.31 -1.67 13.02
CA GLY A 334 4.48 -1.25 12.23
C GLY A 334 4.11 -0.13 11.25
N GLY A 335 5.05 0.78 11.02
CA GLY A 335 4.83 1.75 9.94
C GLY A 335 6.18 2.35 9.64
N HIS A 336 6.29 3.02 8.48
CA HIS A 336 7.64 3.48 8.11
C HIS A 336 7.95 4.89 8.60
N ARG A 337 9.25 5.21 8.55
CA ARG A 337 9.82 6.43 9.08
C ARG A 337 10.46 7.25 7.92
N ASP A 338 10.98 6.58 6.88
CA ASP A 338 11.58 7.30 5.72
C ASP A 338 10.52 8.08 4.96
N SER A 339 10.91 9.24 4.44
CA SER A 339 9.92 10.08 3.74
C SER A 339 10.62 10.52 2.44
N TRP A 340 9.87 10.99 1.47
CA TRP A 340 10.51 11.53 0.24
C TRP A 340 11.15 12.88 0.55
N VAL A 341 10.40 13.75 1.19
CA VAL A 341 10.98 15.02 1.72
C VAL A 341 10.61 15.17 3.22
N PHE A 342 9.70 16.07 3.57
CA PHE A 342 9.44 16.30 5.00
C PHE A 342 8.46 15.32 5.58
N GLY A 343 7.66 14.69 4.72
CA GLY A 343 6.75 13.59 5.19
C GLY A 343 5.69 14.03 6.19
N GLY A 344 5.17 15.26 5.99
CA GLY A 344 4.16 15.81 6.90
C GLY A 344 2.93 14.94 7.03
N ILE A 345 2.48 14.33 5.92
CA ILE A 345 1.41 13.32 6.07
C ILE A 345 2.12 11.95 6.00
N ASP A 346 2.79 11.75 4.89
CA ASP A 346 3.36 10.40 4.59
C ASP A 346 4.87 10.20 4.81
N PRO A 347 5.27 9.73 6.00
CA PRO A 347 4.57 8.79 6.91
C PRO A 347 4.39 9.44 8.27
N GLN A 348 4.86 10.68 8.48
CA GLN A 348 4.99 11.11 9.88
C GLN A 348 3.69 11.28 10.64
N SER A 349 2.60 11.47 9.94
CA SER A 349 1.28 11.50 10.63
C SER A 349 0.97 10.15 11.21
N GLY A 350 1.47 9.09 10.58
CA GLY A 350 1.37 7.71 11.15
C GLY A 350 2.42 7.46 12.21
N ALA A 351 3.68 7.82 11.95
CA ALA A 351 4.76 7.62 12.92
C ALA A 351 4.54 8.34 14.25
N ALA A 352 3.88 9.52 14.21
CA ALA A 352 3.62 10.29 15.43
C ALA A 352 2.56 9.57 16.24
N VAL A 353 1.61 8.94 15.51
CA VAL A 353 0.53 8.12 16.13
C VAL A 353 1.18 6.90 16.81
N VAL A 354 2.07 6.21 16.08
CA VAL A 354 2.76 5.06 16.69
C VAL A 354 3.55 5.48 17.95
N HIS A 355 4.25 6.62 17.89
CA HIS A 355 5.07 7.09 18.98
C HIS A 355 4.19 7.31 20.21
N GLU A 356 3.02 7.87 20.01
CA GLU A 356 2.12 8.13 21.17
C GLU A 356 1.48 6.84 21.66
N ILE A 357 1.27 5.86 20.76
CA ILE A 357 0.81 4.53 21.22
C ILE A 357 1.83 3.83 22.11
N VAL A 358 3.08 3.85 21.69
CA VAL A 358 4.19 3.27 22.47
C VAL A 358 4.25 3.96 23.82
N ARG A 359 4.15 5.30 23.80
CA ARG A 359 4.15 6.08 25.06
C ARG A 359 3.05 5.62 26.02
N SER A 360 1.81 5.49 25.51
CA SER A 360 0.69 5.05 26.33
C SER A 360 0.91 3.63 26.84
N PHE A 361 1.31 2.68 25.97
CA PHE A 361 1.55 1.32 26.47
C PHE A 361 2.62 1.31 27.54
N GLY A 362 3.69 2.09 27.34
CA GLY A 362 4.80 2.19 28.27
C GLY A 362 4.35 2.79 29.62
N THR A 363 3.39 3.70 29.60
CA THR A 363 2.87 4.27 30.86
C THR A 363 2.21 3.18 31.69
N LEU A 364 1.36 2.37 31.07
CA LEU A 364 0.74 1.23 31.78
C LEU A 364 1.79 0.29 32.29
N LYS A 365 2.77 0.01 31.45
CA LYS A 365 3.81 -0.91 31.85
C LYS A 365 4.55 -0.42 33.10
N LYS A 366 4.83 0.88 33.17
CA LYS A 366 5.56 1.41 34.33
C LYS A 366 4.75 1.30 35.63
N GLU A 367 3.44 1.19 35.50
CA GLU A 367 2.50 0.97 36.61
C GLU A 367 2.29 -0.53 36.91
N GLY A 368 3.05 -1.39 36.25
CA GLY A 368 3.04 -2.83 36.54
C GLY A 368 2.30 -3.73 35.58
N TRP A 369 1.71 -3.16 34.53
CA TRP A 369 0.89 -3.93 33.63
C TRP A 369 1.81 -4.48 32.52
N ARG A 370 1.40 -5.62 31.98
CA ARG A 370 2.03 -6.18 30.76
C ARG A 370 0.89 -6.75 29.99
N PRO A 371 0.95 -6.69 28.62
CA PRO A 371 -0.09 -7.28 27.84
C PRO A 371 -0.02 -8.83 27.96
N ARG A 372 -1.07 -9.52 27.60
CA ARG A 372 -1.13 -11.00 27.69
C ARG A 372 -0.06 -11.56 26.71
N ARG A 373 -0.17 -11.11 25.46
CA ARG A 373 0.85 -11.45 24.41
C ARG A 373 1.90 -10.36 24.19
N THR A 374 3.00 -10.72 23.51
CA THR A 374 4.09 -9.80 23.20
C THR A 374 3.61 -8.82 22.11
N ILE A 375 3.98 -7.55 22.28
CA ILE A 375 3.72 -6.53 21.26
C ILE A 375 5.06 -6.09 20.74
N LEU A 376 5.21 -6.12 19.40
CA LEU A 376 6.41 -5.64 18.73
C LEU A 376 5.98 -4.34 18.02
N PHE A 377 6.83 -3.33 18.14
CA PHE A 377 6.59 -2.04 17.46
C PHE A 377 7.72 -1.82 16.46
N ALA A 378 7.39 -1.33 15.28
CA ALA A 378 8.46 -1.19 14.30
C ALA A 378 8.34 0.16 13.59
N SER A 379 9.52 0.74 13.38
CA SER A 379 9.70 1.97 12.59
C SER A 379 10.53 1.51 11.38
N TRP A 380 9.84 1.26 10.27
CA TRP A 380 10.52 0.66 9.14
C TRP A 380 11.25 1.71 8.31
N ASP A 381 12.31 1.26 7.64
CA ASP A 381 13.03 2.17 6.73
C ASP A 381 12.77 1.77 5.27
N ALA A 382 13.06 2.68 4.33
CA ALA A 382 13.02 2.42 2.92
C ALA A 382 11.70 1.87 2.40
N GLU A 383 10.58 2.25 3.05
CA GLU A 383 9.27 1.84 2.52
C GLU A 383 9.09 2.49 1.15
N GLU A 384 9.59 3.73 1.03
CA GLU A 384 9.32 4.48 -0.22
C GLU A 384 10.05 3.86 -1.43
N PHE A 385 11.05 3.03 -1.16
CA PHE A 385 11.84 2.43 -2.23
C PHE A 385 11.43 1.00 -2.52
N GLY A 386 10.26 0.61 -1.98
CA GLY A 386 9.67 -0.71 -2.30
C GLY A 386 9.43 -1.61 -1.08
N LEU A 387 9.08 -1.01 0.03
CA LEU A 387 8.73 -1.85 1.22
C LEU A 387 10.01 -2.60 1.67
N LEU A 388 11.18 -1.97 1.48
CA LEU A 388 12.42 -2.76 1.65
C LEU A 388 12.73 -3.15 3.09
N GLY A 389 12.54 -2.24 4.01
CA GLY A 389 12.92 -2.49 5.42
C GLY A 389 12.03 -3.54 6.07
N SER A 390 10.72 -3.41 5.86
CA SER A 390 9.77 -4.39 6.48
C SER A 390 10.06 -5.76 5.86
N THR A 391 10.24 -5.76 4.54
CA THR A 391 10.42 -7.06 3.84
C THR A 391 11.70 -7.76 4.23
N GLU A 392 12.84 -7.05 4.29
CA GLU A 392 14.12 -7.69 4.66
C GLU A 392 13.99 -8.21 6.09
N TRP A 393 13.38 -7.42 6.99
CA TRP A 393 13.22 -7.88 8.37
C TRP A 393 12.37 -9.16 8.45
N ALA A 394 11.26 -9.18 7.72
CA ALA A 394 10.39 -10.35 7.68
C ALA A 394 11.13 -11.53 7.05
N GLU A 395 11.95 -11.31 6.00
CA GLU A 395 12.76 -12.40 5.46
C GLU A 395 13.71 -12.97 6.52
N GLU A 396 14.29 -12.09 7.31
CA GLU A 396 15.25 -12.54 8.33
C GLU A 396 14.47 -13.36 9.38
N ASN A 397 13.29 -12.89 9.76
CA ASN A 397 12.56 -13.48 10.94
C ASN A 397 11.39 -14.35 10.56
N SER A 398 11.36 -14.83 9.30
CA SER A 398 10.16 -15.47 8.77
C SER A 398 9.74 -16.69 9.61
N ARG A 399 10.71 -17.43 10.14
CA ARG A 399 10.33 -18.65 10.92
C ARG A 399 9.64 -18.25 12.23
N LEU A 400 10.14 -17.19 12.85
CA LEU A 400 9.50 -16.72 14.10
C LEU A 400 8.11 -16.20 13.77
N LEU A 401 7.98 -15.42 12.68
CA LEU A 401 6.69 -14.85 12.36
C LEU A 401 5.67 -15.89 11.96
N GLN A 402 6.10 -16.87 11.15
CA GLN A 402 5.29 -17.97 10.65
C GLN A 402 4.61 -18.70 11.84
N GLU A 403 5.40 -18.93 12.89
CA GLU A 403 4.93 -19.85 13.94
C GLU A 403 4.36 -19.06 15.14
N ARG A 404 4.59 -17.75 15.19
CA ARG A 404 4.22 -16.95 16.37
C ARG A 404 3.41 -15.70 16.07
N GLY A 405 3.26 -15.34 14.79
CA GLY A 405 2.64 -14.02 14.48
C GLY A 405 1.13 -14.09 14.51
N VAL A 406 0.54 -13.33 15.43
CA VAL A 406 -0.87 -13.28 15.54
C VAL A 406 -1.51 -12.34 14.52
N ALA A 407 -0.96 -11.11 14.47
CA ALA A 407 -1.52 -10.05 13.66
C ALA A 407 -0.51 -8.95 13.45
N TYR A 408 -0.75 -8.23 12.35
CA TYR A 408 0.06 -7.06 11.95
C TYR A 408 -0.93 -5.93 11.69
N ILE A 409 -0.72 -4.80 12.37
CA ILE A 409 -1.49 -3.58 12.12
C ILE A 409 -0.51 -2.56 11.53
N ASN A 410 -0.83 -2.05 10.33
CA ASN A 410 0.08 -1.08 9.73
C ASN A 410 -0.18 0.32 10.29
N ALA A 411 0.77 1.25 10.09
CA ALA A 411 0.56 2.61 10.61
C ALA A 411 1.34 3.58 9.75
N ASP A 412 1.02 3.62 8.47
CA ASP A 412 1.48 4.73 7.64
C ASP A 412 0.54 5.91 7.89
N SER A 413 0.42 6.82 6.92
CA SER A 413 -0.30 8.08 7.15
C SER A 413 -1.65 7.91 7.86
N SER A 414 -1.83 8.71 8.92
CA SER A 414 -3.07 8.65 9.71
C SER A 414 -4.23 9.37 9.02
N ILE A 415 -3.93 10.30 8.12
CA ILE A 415 -4.96 11.11 7.46
C ILE A 415 -4.66 11.24 5.99
N GLU A 416 -5.66 11.21 5.14
CA GLU A 416 -5.49 11.61 3.75
C GLU A 416 -6.69 12.49 3.39
N GLY A 417 -7.43 12.86 4.44
CA GLY A 417 -8.65 13.65 4.33
C GLY A 417 -9.20 13.84 5.75
N ASN A 418 -10.36 14.46 5.82
CA ASN A 418 -10.96 14.72 7.14
C ASN A 418 -12.45 14.35 7.17
N TYR A 419 -12.86 13.43 6.30
CA TYR A 419 -14.27 13.14 6.11
C TYR A 419 -14.75 11.97 6.98
N THR A 420 -14.07 10.82 6.88
CA THR A 420 -14.53 9.66 7.65
C THR A 420 -13.41 8.61 7.73
N LEU A 421 -13.68 7.52 8.42
CA LEU A 421 -12.70 6.42 8.55
C LEU A 421 -12.58 5.59 7.29
N ARG A 422 -11.38 5.04 7.06
CA ARG A 422 -11.14 4.12 5.94
C ARG A 422 -10.41 2.92 6.58
N VAL A 423 -10.98 1.72 6.46
CA VAL A 423 -10.34 0.51 7.04
C VAL A 423 -10.24 -0.54 5.93
N ASP A 424 -9.07 -1.19 5.79
CA ASP A 424 -8.88 -2.35 4.91
C ASP A 424 -8.27 -3.44 5.82
N CYS A 425 -8.81 -4.66 5.83
CA CYS A 425 -8.29 -5.68 6.71
C CYS A 425 -8.76 -7.02 6.28
N THR A 426 -8.17 -8.05 6.85
CA THR A 426 -8.72 -9.37 6.67
C THR A 426 -10.13 -9.53 7.27
N PRO A 427 -10.98 -10.35 6.64
CA PRO A 427 -12.33 -10.62 7.23
C PRO A 427 -12.22 -11.06 8.68
N LEU A 428 -11.08 -11.69 9.10
CA LEU A 428 -10.98 -12.15 10.49
C LEU A 428 -11.06 -10.98 11.49
N MET A 429 -10.76 -9.76 11.04
CA MET A 429 -10.81 -8.61 11.95
C MET A 429 -12.08 -7.74 11.84
N TYR A 430 -13.02 -8.09 10.98
CA TYR A 430 -14.23 -7.27 10.76
C TYR A 430 -14.99 -7.04 12.08
N SER A 431 -15.23 -8.12 12.82
CA SER A 431 -15.98 -8.01 14.11
C SER A 431 -15.26 -7.18 15.14
N LEU A 432 -13.94 -7.36 15.27
CA LEU A 432 -13.12 -6.58 16.14
C LEU A 432 -13.26 -5.07 15.81
N VAL A 433 -13.15 -4.74 14.52
CA VAL A 433 -13.26 -3.33 14.07
C VAL A 433 -14.66 -2.75 14.37
N HIS A 434 -15.70 -3.52 14.06
CA HIS A 434 -17.09 -3.06 14.33
C HIS A 434 -17.23 -2.81 15.82
N ASN A 435 -16.85 -3.79 16.63
CA ASN A 435 -16.97 -3.63 18.09
C ASN A 435 -16.16 -2.47 18.62
N LEU A 436 -14.91 -2.28 18.15
CA LEU A 436 -14.09 -1.25 18.75
C LEU A 436 -14.67 0.11 18.40
N THR A 437 -15.07 0.28 17.15
CA THR A 437 -15.55 1.60 16.67
C THR A 437 -16.87 2.02 17.33
N LYS A 438 -17.65 1.03 17.76
CA LYS A 438 -18.88 1.31 18.54
C LYS A 438 -18.58 1.88 19.90
N GLU A 439 -17.39 1.68 20.41
CA GLU A 439 -16.97 2.17 21.73
C GLU A 439 -16.16 3.46 21.71
N LEU A 440 -15.83 3.96 20.51
CA LEU A 440 -15.01 5.17 20.41
C LEU A 440 -15.92 6.33 20.02
N LYS A 441 -15.55 7.52 20.48
CA LYS A 441 -16.30 8.74 20.13
C LYS A 441 -16.01 9.21 18.71
N SER A 442 -17.02 9.64 17.97
CA SER A 442 -16.79 10.24 16.65
C SER A 442 -16.16 11.63 16.80
N PRO A 443 -15.16 11.94 15.98
CA PRO A 443 -14.58 13.29 16.03
C PRO A 443 -15.29 14.25 15.07
N ASP A 444 -16.29 13.75 14.33
CA ASP A 444 -16.89 14.46 13.20
C ASP A 444 -17.84 15.55 13.70
N GLU A 445 -17.84 16.69 13.02
CA GLU A 445 -18.84 17.73 13.33
C GLU A 445 -20.23 17.20 13.00
N GLY A 446 -21.19 17.42 13.88
CA GLY A 446 -22.53 16.91 13.60
C GLY A 446 -22.78 15.58 14.30
N PHE A 447 -21.72 14.92 14.77
CA PHE A 447 -21.87 13.61 15.41
C PHE A 447 -21.35 13.66 16.82
N GLU A 448 -21.34 14.85 17.41
CA GLU A 448 -20.85 14.93 18.77
C GLU A 448 -21.75 14.08 19.69
N GLY A 449 -21.12 13.34 20.60
CA GLY A 449 -21.83 12.36 21.44
C GLY A 449 -22.27 11.06 20.73
N LYS A 450 -21.96 10.92 19.45
CA LYS A 450 -22.24 9.70 18.72
C LYS A 450 -20.95 8.87 18.59
N SER A 451 -21.12 7.57 18.35
CA SER A 451 -19.95 6.66 18.22
C SER A 451 -19.31 6.88 16.85
N LEU A 452 -18.02 6.53 16.78
CA LEU A 452 -17.30 6.47 15.48
C LEU A 452 -18.00 5.51 14.52
N TYR A 453 -18.49 4.37 15.06
CA TYR A 453 -19.22 3.43 14.21
C TYR A 453 -20.40 4.10 13.51
N GLU A 454 -21.13 4.91 14.28
CA GLU A 454 -22.27 5.59 13.72
C GLU A 454 -21.92 6.59 12.61
N SER A 455 -20.91 7.44 12.83
CA SER A 455 -20.50 8.42 11.79
C SER A 455 -19.94 7.74 10.56
N TRP A 456 -19.07 6.75 10.81
CA TRP A 456 -18.45 5.99 9.73
C TRP A 456 -19.48 5.24 8.87
N THR A 457 -20.44 4.58 9.53
CA THR A 457 -21.46 3.84 8.81
C THR A 457 -22.34 4.77 7.95
N LYS A 458 -22.63 5.95 8.50
CA LYS A 458 -23.45 6.94 7.79
C LYS A 458 -22.71 7.49 6.56
N LYS A 459 -21.44 7.84 6.73
CA LYS A 459 -20.63 8.43 5.64
C LYS A 459 -20.06 7.44 4.63
N SER A 460 -19.85 6.20 5.09
CA SER A 460 -19.29 5.16 4.23
C SER A 460 -20.06 3.83 4.34
N PRO A 461 -21.32 3.82 3.84
CA PRO A 461 -22.17 2.65 3.97
C PRO A 461 -21.60 1.44 3.26
N SER A 462 -21.72 0.27 3.88
CA SER A 462 -21.41 -0.97 3.18
C SER A 462 -22.23 -1.10 1.91
N PRO A 463 -21.59 -1.55 0.80
CA PRO A 463 -22.39 -1.82 -0.40
C PRO A 463 -23.24 -3.10 -0.29
N GLU A 464 -22.81 -4.06 0.54
CA GLU A 464 -23.64 -5.25 0.78
C GLU A 464 -24.71 -5.12 1.88
N PHE A 465 -24.39 -4.48 3.01
CA PHE A 465 -25.23 -4.60 4.21
C PHE A 465 -25.68 -3.27 4.81
N SER A 466 -26.99 -3.14 4.98
CA SER A 466 -27.55 -1.94 5.60
C SER A 466 -27.10 -1.90 7.07
N GLY A 467 -26.72 -0.71 7.53
CA GLY A 467 -26.38 -0.52 8.94
C GLY A 467 -24.97 -0.93 9.31
N MET A 468 -24.19 -1.29 8.28
CA MET A 468 -22.74 -1.60 8.40
C MET A 468 -21.89 -0.64 7.55
N PRO A 469 -20.65 -0.38 8.00
CA PRO A 469 -19.72 0.44 7.23
C PRO A 469 -18.97 -0.38 6.18
N ARG A 470 -18.39 0.31 5.20
CA ARG A 470 -17.51 -0.29 4.21
C ARG A 470 -16.14 -0.66 4.81
N ILE A 471 -15.71 -1.90 4.58
CA ILE A 471 -14.32 -2.29 4.92
C ILE A 471 -13.79 -2.96 3.68
N SER A 472 -12.65 -2.52 3.18
CA SER A 472 -12.16 -2.98 1.91
C SER A 472 -11.14 -4.09 2.10
N LYS A 473 -10.84 -4.76 0.99
CA LYS A 473 -9.80 -5.79 1.00
C LYS A 473 -8.46 -5.08 1.08
N LEU A 474 -7.46 -5.78 1.59
CA LEU A 474 -6.10 -5.24 1.54
C LEU A 474 -5.55 -5.44 0.16
N GLY A 475 -4.94 -4.36 -0.36
CA GLY A 475 -4.12 -4.54 -1.58
C GLY A 475 -2.66 -4.59 -1.22
N SER A 476 -1.89 -3.67 -1.81
CA SER A 476 -0.49 -3.56 -1.42
C SER A 476 -0.01 -2.11 -1.60
N GLY A 477 1.31 -1.88 -1.71
CA GLY A 477 1.80 -0.50 -1.73
C GLY A 477 2.07 0.00 -0.30
N ASN A 478 2.13 -0.93 0.67
CA ASN A 478 2.53 -0.55 2.05
C ASN A 478 3.08 -1.74 2.83
N ASP A 479 3.60 -1.49 4.03
CA ASP A 479 4.48 -2.45 4.70
C ASP A 479 3.81 -3.71 5.21
N PHE A 480 2.48 -3.76 5.18
CA PHE A 480 1.81 -5.03 5.55
C PHE A 480 2.00 -6.12 4.49
N GLU A 481 2.48 -5.79 3.29
CA GLU A 481 2.45 -6.78 2.18
C GLU A 481 3.18 -8.09 2.55
N VAL A 482 4.38 -8.01 3.12
CA VAL A 482 5.12 -9.27 3.36
C VAL A 482 4.39 -10.08 4.43
N PHE A 483 3.88 -9.38 5.43
CA PHE A 483 3.18 -10.13 6.52
C PHE A 483 1.93 -10.81 6.05
N PHE A 484 1.14 -10.14 5.22
CA PHE A 484 -0.16 -10.69 4.80
C PHE A 484 -0.03 -11.61 3.58
N GLN A 485 0.43 -11.05 2.45
CA GLN A 485 0.46 -11.82 1.21
C GLN A 485 1.61 -12.87 1.11
N ARG A 486 2.74 -12.65 1.79
CA ARG A 486 3.78 -13.69 1.76
C ARG A 486 3.63 -14.68 2.88
N LEU A 487 3.45 -14.14 4.10
CA LEU A 487 3.48 -15.02 5.26
C LEU A 487 2.12 -15.43 5.84
N GLY A 488 1.02 -14.79 5.43
CA GLY A 488 -0.30 -15.23 5.87
C GLY A 488 -0.57 -14.89 7.33
N ILE A 489 -0.13 -13.71 7.76
CA ILE A 489 -0.44 -13.18 9.10
C ILE A 489 -1.62 -12.18 8.96
N ALA A 490 -2.68 -12.38 9.76
CA ALA A 490 -3.85 -11.50 9.74
C ALA A 490 -3.40 -10.05 9.85
N SER A 491 -3.81 -9.21 8.89
CA SER A 491 -3.34 -7.83 8.86
C SER A 491 -4.49 -6.83 8.70
N GLY A 492 -4.25 -5.61 9.17
CA GLY A 492 -5.23 -4.52 8.94
C GLY A 492 -4.56 -3.12 8.87
N ARG A 493 -5.34 -2.14 8.46
CA ARG A 493 -4.88 -0.74 8.42
C ARG A 493 -6.15 0.13 8.57
N ALA A 494 -5.96 1.35 9.12
CA ALA A 494 -7.11 2.30 9.26
C ALA A 494 -6.53 3.70 9.19
N ARG A 495 -7.27 4.61 8.56
CA ARG A 495 -6.85 6.03 8.56
C ARG A 495 -8.10 6.86 8.36
N TYR A 496 -7.96 8.16 8.54
CA TYR A 496 -9.03 9.07 8.12
C TYR A 496 -8.87 9.41 6.67
N THR A 497 -9.99 9.54 5.95
CA THR A 497 -9.92 9.71 4.49
C THR A 497 -10.89 10.83 4.00
N LYS A 498 -10.81 11.08 2.69
CA LYS A 498 -11.61 12.09 2.00
C LYS A 498 -12.93 11.50 1.51
N ASN A 499 -13.79 12.37 0.97
CA ASN A 499 -14.96 11.95 0.21
C ASN A 499 -14.65 12.24 -1.25
N TRP A 500 -13.92 11.34 -1.91
CA TRP A 500 -13.57 11.49 -3.34
C TRP A 500 -13.31 10.09 -3.93
N GLU A 501 -14.39 9.32 -4.01
CA GLU A 501 -14.40 7.92 -4.46
C GLU A 501 -13.40 7.52 -5.56
N THR A 502 -13.42 8.26 -6.68
CA THR A 502 -12.63 7.91 -7.88
C THR A 502 -11.16 8.33 -7.72
N ASN A 503 -10.89 9.06 -6.64
CA ASN A 503 -9.51 9.38 -6.27
C ASN A 503 -8.91 8.43 -5.20
N LYS A 504 -9.58 7.31 -4.94
CA LYS A 504 -9.24 6.37 -3.86
C LYS A 504 -7.73 5.90 -3.87
N PHE A 505 -7.19 5.69 -5.06
CA PHE A 505 -5.80 5.19 -5.18
C PHE A 505 -4.85 6.26 -5.74
N SER A 506 -5.34 7.50 -5.88
CA SER A 506 -4.50 8.51 -6.57
C SER A 506 -3.63 9.36 -5.65
N GLY A 507 -3.98 9.38 -4.34
CA GLY A 507 -3.25 10.19 -3.36
C GLY A 507 -3.98 11.53 -3.20
N TYR A 508 -3.81 12.12 -2.02
CA TYR A 508 -4.26 13.48 -1.74
C TYR A 508 -3.41 14.41 -2.62
N PRO A 509 -3.85 15.66 -2.85
CA PRO A 509 -3.11 16.45 -3.87
C PRO A 509 -1.61 16.61 -3.67
N LEU A 510 -1.15 16.77 -2.42
CA LEU A 510 0.28 17.07 -2.17
C LEU A 510 1.10 15.81 -1.89
N TYR A 511 0.48 14.66 -2.15
CA TYR A 511 1.20 13.35 -2.00
C TYR A 511 2.60 13.33 -2.64
N HIS A 512 3.62 13.04 -1.81
CA HIS A 512 5.04 12.80 -2.24
C HIS A 512 5.68 14.06 -2.86
N SER A 513 5.05 15.18 -2.54
CA SER A 513 5.60 16.48 -2.89
C SER A 513 6.34 17.21 -1.69
N VAL A 514 7.17 18.21 -2.05
CA VAL A 514 7.91 18.98 -1.04
C VAL A 514 6.89 19.75 -0.17
N TYR A 515 5.63 19.89 -0.64
CA TYR A 515 4.62 20.73 0.05
C TYR A 515 3.93 19.97 1.20
N GLU A 516 4.23 18.67 1.32
CA GLU A 516 3.66 17.85 2.39
C GLU A 516 4.45 18.15 3.67
N THR A 517 3.98 19.12 4.47
CA THR A 517 4.72 19.65 5.59
C THR A 517 3.88 19.59 6.86
N TYR A 518 4.51 19.89 7.97
CA TYR A 518 3.78 20.06 9.22
C TYR A 518 2.66 21.10 9.06
N GLU A 519 2.96 22.20 8.36
CA GLU A 519 1.95 23.27 8.21
C GLU A 519 0.75 22.84 7.40
N LEU A 520 0.96 22.01 6.38
CA LEU A 520 -0.16 21.45 5.67
C LEU A 520 -1.14 20.80 6.61
N VAL A 521 -0.60 19.99 7.53
CA VAL A 521 -1.49 19.23 8.42
C VAL A 521 -2.17 20.15 9.45
N GLU A 522 -1.34 20.93 10.14
CA GLU A 522 -1.79 21.79 11.22
C GLU A 522 -2.76 22.87 10.73
N LYS A 523 -2.57 23.38 9.52
CA LYS A 523 -3.50 24.40 9.01
C LYS A 523 -4.74 23.87 8.31
N PHE A 524 -4.58 22.83 7.48
CA PHE A 524 -5.64 22.47 6.53
C PHE A 524 -6.26 21.14 6.82
N TYR A 525 -5.53 20.21 7.46
CA TYR A 525 -6.13 18.89 7.64
C TYR A 525 -6.73 18.63 8.99
N ASP A 526 -5.99 18.96 10.06
CA ASP A 526 -6.37 18.50 11.40
C ASP A 526 -5.82 19.41 12.48
N PRO A 527 -6.27 20.68 12.49
CA PRO A 527 -5.68 21.65 13.37
C PRO A 527 -5.73 21.30 14.85
N MET A 528 -6.79 20.58 15.24
CA MET A 528 -6.96 20.14 16.63
C MET A 528 -6.38 18.73 16.88
N PHE A 529 -5.86 18.09 15.83
CA PHE A 529 -5.29 16.72 15.97
C PHE A 529 -6.30 15.71 16.49
N LYS A 530 -7.58 15.99 16.26
CA LYS A 530 -8.64 15.07 16.71
C LYS A 530 -8.82 13.89 15.77
N TYR A 531 -8.55 14.09 14.48
CA TYR A 531 -8.64 12.94 13.58
C TYR A 531 -7.44 12.01 13.87
N HIS A 532 -6.24 12.57 14.04
CA HIS A 532 -5.07 11.79 14.49
C HIS A 532 -5.40 11.01 15.77
N LEU A 533 -5.98 11.69 16.76
CA LEU A 533 -6.30 10.99 17.98
C LEU A 533 -7.25 9.83 17.74
N THR A 534 -8.27 10.00 16.90
CA THR A 534 -9.26 8.95 16.60
C THR A 534 -8.51 7.76 15.95
N VAL A 535 -7.62 8.08 15.01
CA VAL A 535 -6.82 7.00 14.35
C VAL A 535 -5.93 6.30 15.37
N ALA A 536 -5.35 7.02 16.30
CA ALA A 536 -4.53 6.40 17.34
C ALA A 536 -5.41 5.45 18.19
N GLN A 537 -6.62 5.89 18.49
CA GLN A 537 -7.54 5.01 19.21
C GLN A 537 -7.90 3.74 18.44
N VAL A 538 -8.09 3.85 17.13
CA VAL A 538 -8.48 2.68 16.31
C VAL A 538 -7.25 1.76 16.23
N ARG A 539 -6.11 2.27 15.77
CA ARG A 539 -4.92 1.38 15.65
C ARG A 539 -4.49 0.82 16.98
N GLY A 540 -4.40 1.67 17.99
CA GLY A 540 -3.97 1.25 19.33
C GLY A 540 -4.97 0.31 19.99
N GLY A 541 -6.26 0.59 19.82
CA GLY A 541 -7.35 -0.25 20.34
C GLY A 541 -7.26 -1.65 19.74
N MET A 542 -7.02 -1.70 18.43
CA MET A 542 -6.89 -3.01 17.75
C MET A 542 -5.74 -3.78 18.36
N VAL A 543 -4.55 -3.15 18.48
CA VAL A 543 -3.39 -3.79 19.02
C VAL A 543 -3.70 -4.26 20.47
N PHE A 544 -4.35 -3.37 21.24
CA PHE A 544 -4.65 -3.74 22.62
C PHE A 544 -5.49 -5.02 22.71
N GLU A 545 -6.57 -5.09 21.95
CA GLU A 545 -7.49 -6.25 21.98
C GLU A 545 -6.76 -7.51 21.48
N LEU A 546 -6.02 -7.36 20.36
CA LEU A 546 -5.26 -8.52 19.85
C LEU A 546 -4.27 -9.05 20.85
N ALA A 547 -3.61 -8.15 21.59
CA ALA A 547 -2.54 -8.55 22.47
C ALA A 547 -3.10 -8.98 23.85
N ASN A 548 -4.35 -8.62 24.13
CA ASN A 548 -4.87 -8.85 25.51
C ASN A 548 -6.08 -9.71 25.68
N SER A 549 -6.92 -9.85 24.65
CA SER A 549 -8.11 -10.71 24.74
C SER A 549 -7.71 -12.16 25.03
N ILE A 550 -8.48 -12.80 25.91
CA ILE A 550 -8.10 -14.20 26.20
C ILE A 550 -8.27 -15.08 25.00
N VAL A 551 -9.42 -14.97 24.35
CA VAL A 551 -9.65 -15.66 23.08
C VAL A 551 -9.26 -14.60 22.02
N LEU A 552 -8.44 -15.00 21.04
CA LEU A 552 -8.15 -14.06 19.96
C LEU A 552 -9.42 -13.53 19.33
N PRO A 553 -9.45 -12.18 19.06
CA PRO A 553 -10.68 -11.55 18.58
C PRO A 553 -10.86 -11.64 17.06
N PHE A 554 -10.83 -12.88 16.56
CA PHE A 554 -11.06 -13.18 15.15
C PHE A 554 -12.35 -13.95 15.01
N ASP A 555 -13.16 -13.62 14.01
CA ASP A 555 -14.34 -14.41 13.77
C ASP A 555 -14.23 -15.12 12.41
N CYS A 556 -13.95 -16.44 12.46
CA CYS A 556 -13.88 -17.19 11.17
C CYS A 556 -15.13 -17.17 10.32
N ARG A 557 -16.34 -16.97 10.91
CA ARG A 557 -17.54 -16.97 10.07
C ARG A 557 -17.57 -15.80 9.07
N ASP A 558 -16.89 -14.72 9.41
CA ASP A 558 -16.83 -13.56 8.50
C ASP A 558 -15.99 -13.93 7.26
N TYR A 559 -14.98 -14.79 7.43
CA TYR A 559 -14.30 -15.27 6.20
C TYR A 559 -15.25 -16.08 5.35
N ALA A 560 -16.11 -16.90 5.97
CA ALA A 560 -17.02 -17.73 5.17
C ALA A 560 -17.95 -16.89 4.27
N VAL A 561 -18.47 -15.80 4.82
CA VAL A 561 -19.33 -14.89 4.12
C VAL A 561 -18.59 -14.30 2.92
N VAL A 562 -17.37 -13.81 3.12
CA VAL A 562 -16.72 -13.15 1.96
C VAL A 562 -16.30 -14.17 0.91
N LEU A 563 -15.91 -15.37 1.33
CA LEU A 563 -15.50 -16.40 0.37
C LEU A 563 -16.61 -16.70 -0.61
N ARG A 564 -17.85 -16.72 -0.10
CA ARG A 564 -19.02 -16.93 -0.98
C ARG A 564 -19.21 -15.79 -1.96
N LYS A 565 -19.08 -14.56 -1.46
CA LYS A 565 -19.12 -13.39 -2.30
C LYS A 565 -18.03 -13.46 -3.40
N TYR A 566 -16.79 -13.79 -3.02
CA TYR A 566 -15.73 -13.85 -4.06
C TYR A 566 -15.96 -14.98 -5.01
N ALA A 567 -16.48 -16.10 -4.52
CA ALA A 567 -16.77 -17.21 -5.44
C ALA A 567 -17.87 -16.84 -6.45
N ASP A 568 -18.95 -16.22 -5.96
CA ASP A 568 -19.97 -15.68 -6.90
C ASP A 568 -19.36 -14.71 -7.93
N LYS A 569 -18.45 -13.86 -7.48
CA LYS A 569 -17.88 -12.88 -8.38
C LYS A 569 -17.03 -13.54 -9.45
N ILE A 570 -16.18 -14.48 -9.05
CA ILE A 570 -15.30 -15.07 -10.08
C ILE A 570 -16.11 -15.96 -11.06
N TYR A 571 -17.11 -16.69 -10.54
CA TYR A 571 -18.02 -17.45 -11.39
C TYR A 571 -18.70 -16.54 -12.43
N SER A 572 -19.15 -15.37 -11.98
CA SER A 572 -19.84 -14.42 -12.86
C SER A 572 -18.93 -13.93 -13.99
N ILE A 573 -17.63 -13.73 -13.69
CA ILE A 573 -16.67 -13.40 -14.71
C ILE A 573 -16.51 -14.51 -15.75
N SER A 574 -16.44 -15.75 -15.29
CA SER A 574 -16.25 -16.87 -16.19
C SER A 574 -17.48 -17.01 -17.09
N MET A 575 -18.63 -16.76 -16.48
CA MET A 575 -19.92 -16.98 -17.17
C MET A 575 -20.20 -15.97 -18.27
N LYS A 576 -19.31 -15.01 -18.48
CA LYS A 576 -19.34 -14.19 -19.69
C LYS A 576 -18.90 -15.02 -20.91
N HIS A 577 -18.39 -16.24 -20.69
CA HIS A 577 -17.87 -17.12 -21.77
C HIS A 577 -18.55 -18.50 -21.75
N PRO A 578 -19.90 -18.55 -21.85
CA PRO A 578 -20.60 -19.83 -21.68
C PRO A 578 -20.21 -20.91 -22.69
N GLN A 579 -19.98 -20.53 -23.94
CA GLN A 579 -19.61 -21.53 -24.94
C GLN A 579 -18.30 -22.22 -24.51
N GLU A 580 -17.34 -21.41 -24.06
CA GLU A 580 -16.06 -21.98 -23.65
C GLU A 580 -16.19 -22.86 -22.41
N MET A 581 -17.04 -22.47 -21.46
CA MET A 581 -17.23 -23.29 -20.28
C MET A 581 -17.86 -24.62 -20.65
N LYS A 582 -18.73 -24.61 -21.67
CA LYS A 582 -19.31 -25.86 -22.20
C LYS A 582 -18.23 -26.73 -22.87
N THR A 583 -17.46 -26.13 -23.80
CA THR A 583 -16.45 -26.84 -24.58
C THR A 583 -15.38 -27.49 -23.71
N TYR A 584 -14.89 -26.74 -22.71
CA TYR A 584 -13.77 -27.22 -21.91
C TYR A 584 -14.20 -27.76 -20.55
N SER A 585 -15.53 -27.88 -20.34
CA SER A 585 -16.08 -28.47 -19.12
C SER A 585 -15.57 -27.75 -17.87
N VAL A 586 -15.70 -26.43 -17.90
CA VAL A 586 -15.18 -25.61 -16.82
C VAL A 586 -16.23 -25.52 -15.71
N SER A 587 -15.99 -26.21 -14.60
CA SER A 587 -16.94 -26.20 -13.47
C SER A 587 -16.40 -25.51 -12.25
N PHE A 588 -17.22 -24.67 -11.65
CA PHE A 588 -16.90 -24.08 -10.33
C PHE A 588 -17.47 -24.90 -9.17
N ASP A 589 -18.03 -26.09 -9.46
CA ASP A 589 -18.65 -26.88 -8.39
C ASP A 589 -17.75 -27.16 -7.19
N SER A 590 -16.47 -27.46 -7.46
CA SER A 590 -15.55 -27.78 -6.36
C SER A 590 -15.34 -26.56 -5.50
N LEU A 591 -15.24 -25.39 -6.11
CA LEU A 591 -15.05 -24.17 -5.30
C LEU A 591 -16.24 -23.84 -4.39
N PHE A 592 -17.45 -23.90 -4.95
CA PHE A 592 -18.63 -23.69 -4.11
C PHE A 592 -18.78 -24.76 -3.04
N SER A 593 -18.46 -26.02 -3.36
CA SER A 593 -18.42 -27.08 -2.34
C SER A 593 -17.49 -26.76 -1.19
N ALA A 594 -16.28 -26.32 -1.53
CA ALA A 594 -15.30 -25.96 -0.49
C ALA A 594 -15.81 -24.80 0.38
N VAL A 595 -16.44 -23.81 -0.26
CA VAL A 595 -16.92 -22.61 0.48
C VAL A 595 -18.05 -23.05 1.42
N LYS A 596 -18.91 -23.93 0.91
CA LYS A 596 -20.00 -24.48 1.73
C LYS A 596 -19.48 -25.24 2.92
N ASN A 597 -18.44 -26.08 2.72
CA ASN A 597 -17.84 -26.78 3.80
C ASN A 597 -17.17 -25.83 4.81
N PHE A 598 -16.47 -24.80 4.30
CA PHE A 598 -15.85 -23.83 5.17
C PHE A 598 -16.92 -23.19 6.05
N THR A 599 -18.06 -22.86 5.43
CA THR A 599 -19.16 -22.17 6.17
C THR A 599 -19.67 -23.07 7.30
N GLU A 600 -19.91 -24.34 6.96
CA GLU A 600 -20.35 -25.36 7.95
C GLU A 600 -19.37 -25.60 9.07
N ILE A 601 -18.08 -25.81 8.76
CA ILE A 601 -17.08 -26.07 9.77
C ILE A 601 -16.81 -24.85 10.66
N ALA A 602 -16.80 -23.67 10.03
CA ALA A 602 -16.57 -22.42 10.77
C ALA A 602 -17.76 -22.22 11.76
N SER A 603 -18.97 -22.53 11.32
CA SER A 603 -20.14 -22.44 12.26
C SER A 603 -19.93 -23.33 13.49
N LYS A 604 -19.51 -24.56 13.25
CA LYS A 604 -19.26 -25.50 14.35
C LYS A 604 -18.10 -25.10 15.22
N PHE A 605 -17.02 -24.58 14.61
CA PHE A 605 -15.91 -24.16 15.40
C PHE A 605 -16.33 -22.99 16.34
N SER A 606 -17.12 -22.07 15.81
CA SER A 606 -17.58 -20.91 16.59
C SER A 606 -18.39 -21.37 17.83
N GLU A 607 -19.27 -22.35 17.62
CA GLU A 607 -20.03 -22.95 18.75
C GLU A 607 -19.09 -23.50 19.79
N ARG A 608 -18.08 -24.27 19.36
CA ARG A 608 -17.15 -24.78 20.34
C ARG A 608 -16.38 -23.69 21.04
N LEU A 609 -16.06 -22.62 20.31
CA LEU A 609 -15.25 -21.57 20.89
C LEU A 609 -16.05 -20.84 21.98
N GLN A 610 -17.35 -20.76 21.77
CA GLN A 610 -18.19 -20.10 22.78
C GLN A 610 -18.51 -21.04 23.94
N ASP A 611 -18.57 -22.35 23.66
CA ASP A 611 -19.01 -23.43 24.58
C ASP A 611 -17.90 -24.18 25.31
N PHE A 612 -16.64 -23.87 25.01
CA PHE A 612 -15.59 -24.66 25.64
C PHE A 612 -15.31 -24.23 27.05
N SER A 615 -12.19 -23.13 31.85
N SER A 615 -9.83 -21.39 31.56
CA SER A 615 -10.97 -23.20 32.63
CA SER A 615 -8.82 -21.45 32.62
C SER A 615 -9.79 -23.96 32.00
C SER A 615 -8.03 -22.77 32.49
N ASN A 616 -9.90 -24.43 30.76
N ASN A 616 -8.27 -23.52 31.41
CA ASN A 616 -8.83 -25.24 30.20
CA ASN A 616 -7.42 -24.67 31.06
C ASN A 616 -7.90 -24.47 29.26
C ASN A 616 -6.39 -24.17 30.03
N PRO A 617 -6.66 -24.19 29.70
N PRO A 617 -5.15 -23.89 30.49
CA PRO A 617 -5.76 -23.33 28.94
CA PRO A 617 -4.16 -23.23 29.62
C PRO A 617 -5.27 -24.02 27.68
C PRO A 617 -3.90 -23.93 28.28
N ILE A 618 -5.17 -25.36 27.72
N ILE A 618 -3.74 -25.26 28.29
CA ILE A 618 -4.76 -26.11 26.52
CA ILE A 618 -3.46 -25.96 27.02
C ILE A 618 -5.83 -26.04 25.40
C ILE A 618 -4.65 -25.99 26.07
N VAL A 619 -7.09 -26.24 25.77
N VAL A 619 -5.86 -26.20 26.60
CA VAL A 619 -8.17 -26.15 24.80
CA VAL A 619 -7.03 -26.16 25.71
C VAL A 619 -8.23 -24.72 24.30
C VAL A 619 -7.19 -24.77 25.10
N LEU A 620 -8.10 -23.76 25.21
N LEU A 620 -6.96 -23.74 25.92
CA LEU A 620 -8.15 -22.37 24.79
CA LEU A 620 -7.05 -22.38 25.44
C LEU A 620 -7.06 -22.14 23.73
C LEU A 620 -5.99 -22.17 24.37
N ARG A 621 -5.84 -22.56 24.04
N ARG A 621 -4.79 -22.64 24.64
CA ARG A 621 -4.69 -22.17 23.24
CA ARG A 621 -3.76 -22.62 23.60
C ARG A 621 -4.73 -23.00 22.01
C ARG A 621 -4.13 -23.25 22.23
N MET A 622 -5.01 -24.29 22.18
CA MET A 622 -5.41 -25.03 20.93
C MET A 622 -6.34 -24.23 20.05
N MET A 623 -7.41 -23.65 20.65
CA MET A 623 -8.33 -22.92 19.84
C MET A 623 -7.74 -21.59 19.35
N ASN A 624 -6.91 -20.96 20.18
CA ASN A 624 -6.22 -19.69 19.76
C ASN A 624 -5.27 -20.05 18.60
N ASP A 625 -4.63 -21.20 18.67
CA ASP A 625 -3.72 -21.59 17.56
C ASP A 625 -4.54 -21.83 16.30
N GLN A 626 -5.71 -22.47 16.40
CA GLN A 626 -6.60 -22.63 15.25
C GLN A 626 -6.97 -21.26 14.65
N LEU A 627 -7.29 -20.29 15.52
CA LEU A 627 -7.62 -18.94 15.03
C LEU A 627 -6.41 -18.23 14.36
N MET A 628 -5.24 -18.38 14.96
CA MET A 628 -4.01 -17.68 14.48
C MET A 628 -3.58 -18.31 13.16
N PHE A 629 -3.65 -19.63 13.10
CA PHE A 629 -3.20 -20.33 11.85
C PHE A 629 -4.23 -20.35 10.72
N LEU A 630 -5.42 -19.79 10.92
CA LEU A 630 -6.42 -19.82 9.89
C LEU A 630 -5.99 -18.92 8.71
N GLU A 631 -5.52 -17.69 8.98
CA GLU A 631 -5.02 -16.85 7.86
C GLU A 631 -3.83 -17.61 7.19
N ARG A 632 -3.05 -18.28 8.01
CA ARG A 632 -1.87 -18.98 7.51
C ARG A 632 -2.27 -20.07 6.53
N ALA A 633 -3.45 -20.69 6.74
CA ALA A 633 -3.85 -21.80 5.90
C ALA A 633 -4.10 -21.40 4.46
N PHE A 634 -4.34 -20.10 4.19
CA PHE A 634 -4.60 -19.65 2.82
C PHE A 634 -3.32 -19.50 2.02
N ILE A 635 -2.18 -19.73 2.64
CA ILE A 635 -0.87 -19.61 1.95
C ILE A 635 -0.60 -20.88 1.13
N ASP A 636 -0.20 -20.72 -0.14
CA ASP A 636 0.30 -21.84 -0.94
C ASP A 636 1.82 -21.69 -1.05
N PRO A 637 2.59 -22.69 -0.61
CA PRO A 637 4.05 -22.53 -0.57
C PRO A 637 4.58 -22.37 -2.03
N LEU A 638 3.80 -22.75 -3.03
CA LEU A 638 4.33 -22.61 -4.41
C LEU A 638 4.07 -21.22 -4.99
N GLY A 639 3.34 -20.34 -4.26
CA GLY A 639 3.04 -19.01 -4.73
C GLY A 639 2.07 -18.95 -5.90
N LEU A 640 1.74 -17.73 -6.35
CA LEU A 640 0.93 -17.60 -7.55
C LEU A 640 1.82 -17.63 -8.80
N PRO A 641 1.20 -17.87 -9.98
CA PRO A 641 2.00 -17.97 -11.22
C PRO A 641 2.94 -16.80 -11.50
N ASP A 642 4.24 -17.09 -11.59
CA ASP A 642 5.29 -16.09 -11.81
C ASP A 642 5.37 -15.00 -10.76
N ARG A 643 4.67 -15.19 -9.63
CA ARG A 643 4.79 -14.23 -8.50
C ARG A 643 4.96 -15.06 -7.20
N PRO A 644 6.16 -15.62 -7.01
CA PRO A 644 6.43 -16.57 -5.91
C PRO A 644 6.27 -15.99 -4.51
N PHE A 645 6.34 -14.66 -4.40
CA PHE A 645 6.20 -14.02 -3.06
C PHE A 645 4.78 -13.57 -2.74
N TYR A 646 3.84 -13.78 -3.70
CA TYR A 646 2.44 -13.58 -3.41
C TYR A 646 1.88 -14.98 -3.24
N ARG A 647 1.71 -15.39 -1.98
CA ARG A 647 1.37 -16.79 -1.68
C ARG A 647 -0.07 -17.03 -1.16
N HIS A 648 -0.77 -15.94 -0.86
CA HIS A 648 -2.14 -16.07 -0.32
C HIS A 648 -3.06 -16.35 -1.53
N VAL A 649 -3.87 -17.40 -1.41
CA VAL A 649 -4.72 -17.85 -2.53
C VAL A 649 -5.99 -17.00 -2.64
N ILE A 650 -6.38 -16.40 -1.53
CA ILE A 650 -7.64 -15.62 -1.60
C ILE A 650 -7.39 -14.19 -2.06
N TYR A 651 -6.30 -13.57 -1.62
CA TYR A 651 -6.00 -12.14 -1.90
C TYR A 651 -4.61 -11.96 -2.50
N ALA A 652 -4.48 -11.17 -3.57
CA ALA A 652 -3.15 -10.71 -3.98
C ALA A 652 -3.31 -9.29 -4.48
N PRO A 653 -2.24 -8.53 -4.53
CA PRO A 653 -2.32 -7.21 -5.20
C PRO A 653 -2.70 -7.42 -6.65
N SER A 654 -3.59 -6.59 -7.17
CA SER A 654 -3.96 -6.72 -8.58
C SER A 654 -2.76 -6.65 -9.53
N SER A 655 -2.71 -7.54 -10.52
CA SER A 655 -1.60 -7.56 -11.51
C SER A 655 -1.61 -6.26 -12.36
N HIS A 656 -2.70 -5.53 -12.28
CA HIS A 656 -2.86 -4.26 -13.05
C HIS A 656 -2.75 -3.04 -12.17
N ASN A 657 -2.68 -3.24 -10.85
CA ASN A 657 -2.64 -2.09 -9.97
C ASN A 657 -2.29 -2.57 -8.58
N LYS A 658 -1.01 -2.44 -8.21
CA LYS A 658 -0.52 -2.91 -6.91
C LYS A 658 -1.31 -2.40 -5.71
N TYR A 659 -1.92 -1.22 -5.81
CA TYR A 659 -2.66 -0.67 -4.65
C TYR A 659 -3.95 -1.40 -4.36
N ALA A 660 -4.55 -2.02 -5.38
CA ALA A 660 -5.86 -2.63 -5.25
C ALA A 660 -5.75 -4.12 -4.89
N GLY A 661 -6.59 -4.60 -4.00
CA GLY A 661 -6.57 -6.07 -3.85
C GLY A 661 -7.44 -6.76 -4.88
N GLU A 662 -7.10 -7.99 -5.21
CA GLU A 662 -7.90 -8.84 -6.10
C GLU A 662 -8.26 -10.11 -5.33
N SER A 663 -9.51 -10.61 -5.45
CA SER A 663 -9.85 -11.86 -4.76
C SER A 663 -9.73 -13.01 -5.74
N PHE A 664 -9.47 -14.24 -5.24
CA PHE A 664 -9.15 -15.39 -6.12
C PHE A 664 -8.26 -15.00 -7.27
N PRO A 665 -7.11 -14.38 -6.94
CA PRO A 665 -6.29 -13.78 -7.98
C PRO A 665 -5.80 -14.76 -9.01
N GLY A 666 -5.53 -16.03 -8.61
CA GLY A 666 -5.01 -17.02 -9.57
C GLY A 666 -6.08 -17.27 -10.64
N ILE A 667 -7.34 -17.42 -10.22
CA ILE A 667 -8.41 -17.62 -11.23
C ILE A 667 -8.67 -16.31 -11.98
N TYR A 668 -8.68 -15.17 -11.28
CA TYR A 668 -8.92 -13.90 -11.94
C TYR A 668 -7.92 -13.66 -13.07
N ASP A 669 -6.62 -13.80 -12.78
CA ASP A 669 -5.61 -13.61 -13.83
C ASP A 669 -5.71 -14.65 -14.95
N ALA A 670 -6.14 -15.86 -14.64
CA ALA A 670 -6.29 -16.88 -15.70
C ALA A 670 -7.43 -16.47 -16.66
N LEU A 671 -8.46 -15.84 -16.11
CA LEU A 671 -9.64 -15.39 -16.93
C LEU A 671 -9.41 -14.08 -17.67
N PHE A 672 -8.47 -13.28 -17.17
CA PHE A 672 -8.38 -11.89 -17.62
C PHE A 672 -8.01 -11.87 -19.11
N ASP A 673 -8.81 -11.16 -19.92
CA ASP A 673 -8.50 -11.03 -21.38
C ASP A 673 -8.36 -12.39 -22.10
N ILE A 674 -9.06 -13.41 -21.60
CA ILE A 674 -8.89 -14.77 -22.11
C ILE A 674 -9.36 -14.91 -23.57
N GLU A 675 -10.34 -14.09 -23.96
CA GLU A 675 -10.85 -14.12 -25.34
C GLU A 675 -9.77 -13.75 -26.36
N SER A 676 -8.67 -13.15 -25.89
CA SER A 676 -7.53 -12.77 -26.74
C SER A 676 -6.43 -13.80 -26.81
N LYS A 677 -6.54 -14.91 -26.06
CA LYS A 677 -5.45 -15.87 -26.04
C LYS A 677 -5.46 -16.74 -27.30
N VAL A 678 -4.28 -17.05 -27.80
CA VAL A 678 -4.18 -17.77 -29.07
C VAL A 678 -4.61 -19.24 -28.96
N ASP A 679 -4.39 -19.86 -27.81
CA ASP A 679 -4.66 -21.28 -27.61
C ASP A 679 -5.70 -21.40 -26.52
N PRO A 680 -6.99 -21.34 -26.90
CA PRO A 680 -8.03 -21.35 -25.87
C PRO A 680 -8.06 -22.61 -25.01
N SER A 681 -7.68 -23.76 -25.58
CA SER A 681 -7.63 -25.02 -24.83
C SER A 681 -6.69 -24.90 -23.63
N LYS A 682 -5.49 -24.39 -23.91
CA LYS A 682 -4.47 -24.14 -22.89
C LYS A 682 -4.96 -23.13 -21.83
N ALA A 683 -5.56 -22.02 -22.30
CA ALA A 683 -5.98 -20.94 -21.42
C ALA A 683 -7.08 -21.41 -20.48
N TRP A 684 -8.06 -22.14 -21.02
CA TRP A 684 -9.14 -22.64 -20.17
C TRP A 684 -8.64 -23.77 -19.23
N GLY A 685 -7.68 -24.54 -19.70
CA GLY A 685 -7.04 -25.56 -18.86
C GLY A 685 -6.43 -24.89 -17.62
N GLU A 686 -5.86 -23.71 -17.82
CA GLU A 686 -5.23 -22.98 -16.70
C GLU A 686 -6.29 -22.40 -15.79
N VAL A 687 -7.41 -21.93 -16.37
CA VAL A 687 -8.54 -21.55 -15.51
C VAL A 687 -8.92 -22.74 -14.62
N LYS A 688 -9.07 -23.91 -15.21
CA LYS A 688 -9.48 -25.08 -14.42
C LYS A 688 -8.44 -25.43 -13.35
N ARG A 689 -7.17 -25.34 -13.74
CA ARG A 689 -6.13 -25.56 -12.72
C ARG A 689 -6.27 -24.64 -11.53
N GLN A 690 -6.51 -23.36 -11.82
CA GLN A 690 -6.63 -22.35 -10.72
C GLN A 690 -7.91 -22.60 -9.86
N ILE A 691 -8.99 -23.07 -10.51
CA ILE A 691 -10.17 -23.44 -9.74
C ILE A 691 -9.86 -24.55 -8.74
N TYR A 692 -9.16 -25.59 -9.19
CA TYR A 692 -8.70 -26.72 -8.33
C TYR A 692 -7.85 -26.20 -7.18
N VAL A 693 -6.87 -25.37 -7.51
CA VAL A 693 -6.00 -24.86 -6.43
C VAL A 693 -6.82 -24.08 -5.39
N ALA A 694 -7.73 -23.22 -5.86
CA ALA A 694 -8.54 -22.42 -4.93
C ALA A 694 -9.46 -23.30 -4.08
N ALA A 695 -10.15 -24.24 -4.73
CA ALA A 695 -11.09 -25.15 -3.99
C ALA A 695 -10.33 -25.97 -2.96
N PHE A 696 -9.17 -26.49 -3.38
CA PHE A 696 -8.35 -27.25 -2.47
C PHE A 696 -7.92 -26.40 -1.25
N THR A 697 -7.48 -25.16 -1.51
CA THR A 697 -6.92 -24.32 -0.43
C THR A 697 -8.06 -23.95 0.54
N VAL A 698 -9.24 -23.62 -0.02
CA VAL A 698 -10.40 -23.26 0.87
C VAL A 698 -10.78 -24.46 1.74
N GLN A 699 -10.83 -25.65 1.13
CA GLN A 699 -11.16 -26.89 1.91
C GLN A 699 -10.09 -27.17 2.97
N ALA A 700 -8.82 -27.00 2.61
CA ALA A 700 -7.75 -27.25 3.54
C ALA A 700 -7.79 -26.27 4.71
N ALA A 701 -8.11 -24.99 4.43
CA ALA A 701 -8.18 -23.99 5.49
C ALA A 701 -9.37 -24.37 6.39
N ALA A 702 -10.50 -24.73 5.79
CA ALA A 702 -11.66 -25.22 6.57
C ALA A 702 -11.27 -26.32 7.52
N GLU A 703 -10.51 -27.32 7.01
CA GLU A 703 -10.11 -28.45 7.85
C GLU A 703 -9.24 -28.11 9.00
N THR A 704 -8.58 -26.92 9.00
CA THR A 704 -7.81 -26.53 10.17
C THR A 704 -8.72 -26.18 11.37
N LEU A 705 -9.99 -25.93 11.05
CA LEU A 705 -10.98 -25.53 12.09
C LEU A 705 -11.75 -26.74 12.60
N SER A 706 -11.64 -27.88 11.89
CA SER A 706 -12.25 -29.14 12.41
C SER A 706 -11.67 -29.53 13.78
N GLU A 707 -12.37 -30.43 14.52
CA GLU A 707 -11.72 -30.95 15.72
C GLU A 707 -10.41 -31.62 15.33
N VAL A 708 -9.42 -31.43 16.16
CA VAL A 708 -8.03 -31.73 15.82
C VAL A 708 -7.73 -33.24 15.82
N ALA A 709 -8.56 -34.02 16.53
CA ALA A 709 -8.34 -35.49 16.70
C ALA A 709 -9.58 -36.08 17.37
C1 NAG B . 12.95 16.11 18.50
C2 NAG B . 13.94 17.24 18.36
C3 NAG B . 15.31 16.81 18.94
C4 NAG B . 15.20 16.20 20.32
C5 NAG B . 14.08 15.17 20.32
C6 NAG B . 13.90 14.55 21.71
C7 NAG B . 13.57 18.82 16.57
C8 NAG B . 13.74 19.17 15.12
N2 NAG B . 14.12 17.67 16.98
O3 NAG B . 16.08 17.96 19.05
O4 NAG B . 16.42 15.54 20.58
O5 NAG B . 12.87 15.76 19.87
O6 NAG B . 13.30 15.52 22.56
O7 NAG B . 12.92 19.57 17.29
C1 NAG B . 17.00 15.93 21.85
C2 NAG B . 18.06 14.88 22.22
C3 NAG B . 18.91 15.31 23.43
C4 NAG B . 19.38 16.77 23.37
C5 NAG B . 18.26 17.72 22.90
C6 NAG B . 18.82 19.10 22.53
C7 NAG B . 17.40 12.50 21.75
C8 NAG B . 17.91 12.61 20.35
N2 NAG B . 17.43 13.59 22.53
O3 NAG B . 20.03 14.43 23.47
O4 NAG B . 19.86 17.20 24.65
O5 NAG B . 17.58 17.21 21.75
O6 NAG B . 19.72 18.93 21.44
O7 NAG B . 16.94 11.41 22.15
C1 NAG C . 17.76 23.84 -21.48
C2 NAG C . 18.09 25.22 -22.08
C3 NAG C . 19.29 25.14 -23.03
C4 NAG C . 20.49 24.38 -22.42
C5 NAG C . 20.01 23.10 -21.68
C6 NAG C . 21.12 22.39 -20.88
C7 NAG C . 16.18 26.72 -22.42
C8 NAG C . 15.05 27.14 -23.31
N2 NAG C . 16.94 25.71 -22.83
O3 NAG C . 19.72 26.44 -23.36
O4 NAG C . 21.37 24.08 -23.48
O5 NAG C . 18.94 23.42 -20.81
O6 NAG C . 21.72 23.20 -19.90
O7 NAG C . 16.35 27.30 -21.34
C1 NAG C . 22.75 24.40 -23.19
C2 NAG C . 23.60 23.55 -24.14
C3 NAG C . 25.10 23.91 -24.06
C4 NAG C . 25.32 25.42 -24.08
C5 NAG C . 24.48 26.03 -22.95
C6 NAG C . 24.78 27.50 -22.73
C7 NAG C . 22.65 21.32 -24.49
C8 NAG C . 22.75 19.88 -24.08
N2 NAG C . 23.42 22.16 -23.79
O3 NAG C . 25.78 23.35 -25.16
O4 NAG C . 26.72 25.68 -23.97
O5 NAG C . 23.09 25.79 -23.24
O6 NAG C . 24.03 28.27 -23.65
O7 NAG C . 21.90 21.66 -25.40
C1 NAG D . -18.27 -8.19 19.12
C2 NAG D . -17.48 -9.48 19.49
C3 NAG D . -18.46 -10.65 19.56
C4 NAG D . -19.67 -10.35 20.47
C5 NAG D . -20.32 -9.00 20.04
C6 NAG D . -21.46 -8.52 20.95
C7 NAG D . -15.14 -9.96 18.88
C8 NAG D . -14.82 -9.86 20.32
N2 NAG D . -16.40 -9.81 18.54
O3 NAG D . -17.76 -11.78 19.99
O4 NAG D . -20.62 -11.38 20.27
O5 NAG D . -19.28 -8.03 20.12
O6 NAG D . -20.95 -8.53 22.27
O7 NAG D . -14.19 -10.24 18.05
C1 NAG D . -21.04 -11.92 21.54
C2 NAG D . -22.23 -12.80 21.19
C3 NAG D . -22.75 -13.52 22.44
C4 NAG D . -21.59 -14.24 23.15
C5 NAG D . -20.41 -13.28 23.39
C6 NAG D . -19.21 -14.02 23.97
C7 NAG D . -23.61 -12.02 19.32
C8 NAG D . -22.83 -12.90 18.38
N2 NAG D . -23.25 -11.95 20.60
O3 NAG D . -23.75 -14.42 22.05
O4 NAG D . -22.04 -14.72 24.41
O5 NAG D . -20.04 -12.70 22.13
O6 NAG D . -19.03 -15.16 23.13
O7 NAG D . -24.54 -11.36 18.86
C1 BMA D . -22.16 -16.15 24.42
C2 BMA D . -21.70 -16.66 25.79
C3 BMA D . -21.82 -18.19 25.88
C4 BMA D . -23.25 -18.65 25.53
C5 BMA D . -23.80 -17.97 24.26
C6 BMA D . -25.32 -18.11 24.27
O2 BMA D . -22.54 -16.01 26.75
O3 BMA D . -21.45 -18.69 27.18
O4 BMA D . -23.25 -20.07 25.34
O5 BMA D . -23.52 -16.56 24.20
O6 BMA D . -25.74 -18.50 22.95
C1 NAG E . -17.04 -30.90 1.22
C2 NAG E . -15.92 -31.45 0.31
C3 NAG E . -16.39 -32.80 -0.25
C4 NAG E . -16.76 -33.78 0.89
C5 NAG E . -17.72 -33.10 1.88
C6 NAG E . -17.83 -34.03 3.12
C7 NAG E . -14.28 -30.33 -1.14
C8 NAG E . -14.13 -29.36 -2.28
N2 NAG E . -15.55 -30.51 -0.74
O3 NAG E . -15.40 -33.37 -1.08
O4 NAG E . -17.52 -34.90 0.45
O5 NAG E . -17.20 -31.85 2.27
O6 NAG E . -18.92 -33.61 3.93
O7 NAG E . -13.34 -30.90 -0.54
C1 NAG E . -16.69 -35.93 -0.13
C2 NAG E . -17.11 -37.33 0.29
C3 NAG E . -16.38 -38.39 -0.56
C4 NAG E . -16.52 -38.09 -2.05
C5 NAG E . -15.99 -36.66 -2.26
C6 NAG E . -15.94 -36.26 -3.73
C7 NAG E . -17.84 -37.60 2.63
C8 NAG E . -19.27 -37.44 2.21
N2 NAG E . -16.87 -37.57 1.70
O3 NAG E . -16.93 -39.67 -0.28
O4 NAG E . -15.71 -38.92 -2.87
O5 NAG E . -16.83 -35.80 -1.52
O6 NAG E . -17.27 -36.20 -4.18
O7 NAG E . -17.60 -37.76 3.84
C1 BMA E . -16.37 -40.13 -3.21
C2 BMA E . -15.92 -40.54 -4.60
C3 BMA E . -16.45 -41.91 -4.96
C4 BMA E . -16.04 -42.88 -3.88
C5 BMA E . -16.51 -42.37 -2.53
C6 BMA E . -16.05 -43.28 -1.42
O2 BMA E . -14.48 -40.61 -4.61
O3 BMA E . -15.82 -42.28 -6.18
O4 BMA E . -16.60 -44.13 -4.18
O5 BMA E . -15.90 -41.09 -2.29
O6 BMA E . -16.39 -42.62 -0.19
C1 MAN E . -16.78 -42.84 -7.11
C2 MAN E . -15.98 -43.54 -8.20
C3 MAN E . -15.29 -42.54 -9.11
C4 MAN E . -16.24 -41.46 -9.61
C5 MAN E . -16.98 -40.84 -8.41
C6 MAN E . -17.94 -39.73 -8.84
O2 MAN E . -16.89 -44.35 -8.91
O3 MAN E . -14.73 -43.15 -10.26
O4 MAN E . -15.51 -40.46 -10.29
O5 MAN E . -17.65 -41.86 -7.69
O6 MAN E . -18.98 -40.26 -9.64
C1 NAG F . 27.44 12.48 -11.41
C2 NAG F . 28.26 11.19 -11.47
C3 NAG F . 29.75 11.41 -11.74
C4 NAG F . 30.00 12.38 -12.89
C5 NAG F . 28.73 13.05 -13.46
C6 NAG F . 28.15 12.30 -14.69
C7 NAG F . 27.60 9.21 -10.25
C8 NAG F . 27.49 8.49 -11.56
N2 NAG F . 28.07 10.46 -10.24
O3 NAG F . 30.30 10.16 -12.11
O4 NAG F . 30.95 13.38 -12.50
O5 NAG F . 27.72 13.36 -12.49
O6 NAG F . 29.11 11.48 -15.36
O7 NAG F . 27.27 8.66 -9.20
C1 NAG G . 4.65 -1.21 -33.84
C2 NAG G . 4.46 -2.52 -34.59
C3 NAG G . 5.77 -3.28 -34.57
C4 NAG G . 6.84 -2.44 -35.26
C5 NAG G . 6.97 -1.02 -34.69
C6 NAG G . 7.66 -0.05 -35.67
C7 NAG G . 2.11 -3.25 -34.54
C8 NAG G . 1.07 -4.07 -33.85
N2 NAG G . 3.35 -3.31 -34.04
O3 NAG G . 5.61 -4.50 -35.24
O4 NAG G . 8.10 -3.09 -35.14
O5 NAG G . 5.69 -0.43 -34.42
O6 NAG G . 8.99 -0.43 -35.97
O7 NAG G . 1.79 -2.54 -35.51
C1 NAG H . -11.87 19.54 6.22
C2 NAG H . -11.40 19.67 4.76
C3 NAG H . -12.04 20.90 4.09
C4 NAG H . -13.57 20.84 4.20
C5 NAG H . -13.97 20.65 5.67
C6 NAG H . -15.49 20.56 5.81
C7 NAG H . -9.34 18.74 3.91
C8 NAG H . -7.86 18.84 3.72
N2 NAG H . -9.94 19.64 4.69
O3 NAG H . -11.72 20.96 2.72
O4 NAG H . -14.21 22.00 3.63
O5 NAG H . -13.29 19.53 6.27
O6 NAG H . -16.06 19.54 5.01
O7 NAG H . -9.95 17.87 3.32
ZN ZN I . 4.74 7.24 0.35
ZN ZN J . 4.12 6.03 3.34
CA CA K . 16.03 -9.79 0.56
CL CL L . -1.62 2.52 6.69
F21 FBD M . -5.62 2.35 1.10
C20 FBD M . -4.86 3.06 0.21
C22 FBD M . -4.76 4.43 0.44
C23 FBD M . -4.03 5.23 -0.43
C19 FBD M . -4.24 2.47 -0.90
C18 FBD M . -3.50 3.29 -1.79
C17 FBD M . -3.40 4.67 -1.56
C16 FBD M . -2.64 5.62 -2.48
S15 FBD M . -1.31 6.44 -1.62
C14 FBD M . -0.23 5.06 -1.28
C13 FBD M . 0.59 5.19 0.03
C24 FBD M . -0.22 4.66 1.18
O25 FBD M . -0.55 5.48 2.07
O26 FBD M . -0.50 3.43 1.22
N12 FBD M . 1.63 4.22 -0.26
C11 FBD M . 2.81 4.54 -0.80
O27 FBD M . 3.12 5.70 -1.13
N10 FBD M . 3.73 3.53 -0.94
C6 FBD M . 4.95 3.85 -1.70
C7 FBD M . 4.38 4.27 -3.06
O8 FBD M . 3.21 3.99 -3.42
O9 FBD M . 5.12 4.94 -3.87
C5 FBD M . 5.74 2.56 -2.00
C4 FBD M . 4.84 1.38 -2.43
C2 FBD M . 5.58 0.18 -3.00
O3 FBD M . 4.98 -0.91 -3.07
O1 FBD M . 6.78 0.30 -3.38
#